data_7XZD
#
_entry.id   7XZD
#
_cell.length_a   54.009
_cell.length_b   58.000
_cell.length_c   88.501
_cell.angle_alpha   89.976
_cell.angle_beta   101.389
_cell.angle_gamma   92.045
#
_symmetry.space_group_name_H-M   'P 1'
#
loop_
_entity.id
_entity.type
_entity.pdbx_description
1 polymer 'Fucoidan lyase'
2 non-polymer IMIDAZOLE
3 water water
#
_entity_poly.entity_id   1
_entity_poly.type   'polypeptide(L)'
_entity_poly.pdbx_seq_one_letter_code
;HHHHHHSSGLVPRGSHMQTTTVYSLEDLLPYLKQDNVDVKLAPGTYNVNGFDVGEDRLFSTTPLFLFEGSNSTYDFTDVK
LNINTVVLTKFGNNEVNEIQILGNNNVLKNLKLEDIGTTAPSNRAQSIVIDGRDNRIEGFHLTIRGSYPYGYGDAFGKGG
GSVINHRKHSGVLIRGLRNHLKDCTIISRSYGHIVAMQAASYPTVEGCYIEGEMRSTDDMLAEEGTGSPADKVDFMTVWG
YKLPAGYMMSLQEGGIRAYNAGTTYIDGVEIQRATDNPTVLNCTIKNARTGVTLAHANGTKYVEGCTVLGCENGYSIGSG
TVVNCGADAIYGPVFKNTYGSDKGYNADITILPPSDAYYNGHDAVAYIGGSNHNLTFRSEITEIPSNLKIMVSGDLQGLR
VLHGSNPSQNNFAGTNIVLRNLTNFPVDLHSDSSNITVTSCDTDNITDNGTNNSIEAIDCDSD
;
_entity_poly.pdbx_strand_id   A,B
#
loop_
_chem_comp.id
_chem_comp.type
_chem_comp.name
_chem_comp.formula
IMD non-polymer IMIDAZOLE 'C3 H5 N2 1'
#
# COMPACT_ATOMS: atom_id res chain seq x y z
N GLN A 18 -14.63 15.25 -3.29
CA GLN A 18 -13.94 15.40 -4.61
C GLN A 18 -12.45 15.67 -4.40
N THR A 19 -11.58 14.99 -5.12
CA THR A 19 -10.13 15.14 -4.88
C THR A 19 -9.48 16.08 -5.88
N THR A 20 -8.73 17.06 -5.41
CA THR A 20 -7.99 17.95 -6.30
C THR A 20 -6.58 17.39 -6.46
N THR A 21 -6.18 17.18 -7.71
CA THR A 21 -4.84 16.61 -7.97
C THR A 21 -3.93 17.74 -8.47
N VAL A 22 -2.73 17.82 -7.94
CA VAL A 22 -1.75 18.85 -8.35
C VAL A 22 -0.48 18.12 -8.82
N TYR A 23 0.31 18.77 -9.67
CA TYR A 23 1.46 18.09 -10.30
C TYR A 23 2.80 18.80 -10.01
N SER A 24 2.78 19.66 -9.01
CA SER A 24 4.00 20.39 -8.61
C SER A 24 3.94 20.76 -7.13
N LEU A 25 5.11 20.85 -6.52
CA LEU A 25 5.15 21.36 -5.15
C LEU A 25 4.60 22.78 -5.09
N GLU A 26 4.88 23.59 -6.12
CA GLU A 26 4.37 24.96 -6.17
C GLU A 26 2.85 25.00 -6.09
N ASP A 27 2.17 24.12 -6.83
CA ASP A 27 0.71 24.10 -6.79
C ASP A 27 0.16 23.42 -5.54
N LEU A 28 0.96 22.60 -4.85
CA LEU A 28 0.51 21.99 -3.59
C LEU A 28 0.45 23.03 -2.46
N LEU A 29 1.45 23.89 -2.36
CA LEU A 29 1.58 24.73 -1.16
C LEU A 29 0.34 25.56 -0.83
N PRO A 30 -0.39 26.16 -1.79
CA PRO A 30 -1.57 26.94 -1.38
C PRO A 30 -2.60 26.12 -0.60
N TYR A 31 -2.75 24.83 -0.89
CA TYR A 31 -3.76 24.04 -0.21
C TYR A 31 -3.45 23.87 1.27
N LEU A 32 -2.17 23.93 1.65
CA LEU A 32 -1.81 23.71 3.04
C LEU A 32 -2.36 24.79 3.97
N LYS A 33 -2.78 25.94 3.44
CA LYS A 33 -3.38 26.99 4.26
C LYS A 33 -4.90 26.90 4.34
N GLN A 34 -5.52 25.93 3.68
CA GLN A 34 -6.97 25.86 3.55
C GLN A 34 -7.57 24.71 4.34
N ASP A 35 -8.80 24.92 4.81
CA ASP A 35 -9.56 23.91 5.54
C ASP A 35 -10.37 23.05 4.58
N ASN A 36 -10.67 21.83 5.03
CA ASN A 36 -11.63 20.95 4.38
C ASN A 36 -11.29 20.69 2.90
N VAL A 37 -10.03 20.39 2.64
CA VAL A 37 -9.63 20.08 1.27
C VAL A 37 -9.22 18.61 1.20
N ASP A 38 -9.37 18.05 0.01
CA ASP A 38 -8.94 16.69 -0.29
C ASP A 38 -8.01 16.80 -1.48
N VAL A 39 -6.73 16.58 -1.23
CA VAL A 39 -5.69 16.87 -2.25
C VAL A 39 -4.79 15.66 -2.50
N LYS A 40 -4.38 15.51 -3.74
CA LYS A 40 -3.45 14.43 -4.09
C LYS A 40 -2.29 15.06 -4.88
N LEU A 41 -1.07 14.78 -4.46
CA LEU A 41 0.10 15.20 -5.26
C LEU A 41 0.37 14.01 -6.17
N ALA A 42 0.42 14.27 -7.46
CA ALA A 42 0.53 13.18 -8.45
C ALA A 42 1.77 12.33 -8.28
N PRO A 43 1.66 11.04 -8.62
CA PRO A 43 2.81 10.16 -8.55
C PRO A 43 4.01 10.74 -9.31
N GLY A 44 5.16 10.68 -8.66
CA GLY A 44 6.37 11.19 -9.29
C GLY A 44 7.49 11.49 -8.31
N THR A 45 8.57 12.05 -8.85
CA THR A 45 9.73 12.41 -8.01
C THR A 45 9.82 13.93 -7.95
N TYR A 46 9.87 14.47 -6.74
CA TYR A 46 9.92 15.91 -6.52
C TYR A 46 11.16 16.22 -5.70
N ASN A 47 11.94 17.19 -6.14
CA ASN A 47 13.23 17.50 -5.52
C ASN A 47 13.18 18.91 -4.93
N VAL A 48 13.68 19.03 -3.69
CA VAL A 48 13.87 20.36 -3.04
C VAL A 48 15.38 20.53 -2.89
N ASN A 49 15.92 21.55 -3.54
CA ASN A 49 17.36 21.84 -3.47
C ASN A 49 17.58 23.24 -2.88
N GLY A 50 18.83 23.59 -2.66
CA GLY A 50 19.11 24.90 -2.05
C GLY A 50 18.54 26.02 -2.88
N PHE A 51 18.50 25.83 -4.20
CA PHE A 51 18.00 26.87 -5.13
C PHE A 51 16.49 27.10 -4.97
N ASP A 52 15.80 26.25 -4.20
CA ASP A 52 14.33 26.34 -4.04
C ASP A 52 13.97 27.11 -2.77
N VAL A 53 14.98 27.62 -2.07
CA VAL A 53 14.77 28.37 -0.80
C VAL A 53 15.17 29.82 -1.02
N GLY A 54 14.29 30.75 -0.62
CA GLY A 54 14.58 32.18 -0.79
C GLY A 54 13.36 33.04 -1.02
N GLU A 55 13.55 34.36 -1.16
CA GLU A 55 12.36 35.25 -1.24
C GLU A 55 11.50 34.92 -2.46
N ASP A 56 12.10 34.71 -3.61
CA ASP A 56 11.26 34.52 -4.82
C ASP A 56 11.36 33.07 -5.24
N ARG A 57 11.77 32.24 -4.28
CA ARG A 57 11.85 30.80 -4.54
C ARG A 57 10.65 30.12 -3.87
N LEU A 58 10.44 28.84 -4.17
CA LEU A 58 9.24 28.16 -3.65
C LEU A 58 9.19 28.24 -2.13
N PHE A 59 10.26 27.87 -1.46
CA PHE A 59 10.22 27.83 -0.03
C PHE A 59 10.90 29.06 0.58
N SER A 60 10.12 30.05 0.95
CA SER A 60 10.66 31.28 1.51
C SER A 60 10.75 31.25 3.03
N THR A 61 10.11 30.28 3.68
CA THR A 61 10.09 30.17 5.12
C THR A 61 10.18 28.71 5.50
N THR A 62 10.59 28.48 6.72
CA THR A 62 10.49 27.18 7.36
C THR A 62 9.46 27.27 8.48
N PRO A 63 8.69 26.19 8.75
CA PRO A 63 8.73 24.86 8.15
C PRO A 63 8.41 24.84 6.66
N LEU A 64 9.05 23.92 5.93
CA LEU A 64 8.88 23.87 4.48
C LEU A 64 7.42 23.60 4.12
N PHE A 65 6.82 22.61 4.74
CA PHE A 65 5.44 22.22 4.49
C PHE A 65 4.68 22.44 5.80
N LEU A 66 3.96 23.54 5.92
CA LEU A 66 3.26 23.89 7.14
C LEU A 66 1.77 23.65 6.91
N PHE A 67 1.26 22.57 7.47
CA PHE A 67 -0.14 22.21 7.32
C PHE A 67 -0.95 22.99 8.36
N GLU A 68 -1.50 24.13 7.93
CA GLU A 68 -2.26 25.01 8.81
C GLU A 68 -3.75 24.75 8.77
N GLY A 69 -4.26 24.15 7.69
CA GLY A 69 -5.68 23.87 7.60
C GLY A 69 -6.09 22.70 8.47
N SER A 70 -7.41 22.55 8.62
CA SER A 70 -8.00 21.46 9.39
C SER A 70 -8.96 20.66 8.50
N ASN A 71 -9.24 19.44 8.95
CA ASN A 71 -10.20 18.53 8.30
C ASN A 71 -9.84 18.30 6.82
N SER A 72 -8.55 18.13 6.55
CA SER A 72 -8.08 17.94 5.19
C SER A 72 -7.39 16.58 5.07
N THR A 73 -7.33 16.09 3.84
N THR A 73 -7.34 16.08 3.85
CA THR A 73 -6.69 14.81 3.55
CA THR A 73 -6.68 14.82 3.55
C THR A 73 -5.70 15.00 2.40
C THR A 73 -5.69 15.03 2.41
N TYR A 74 -4.50 14.46 2.56
CA TYR A 74 -3.43 14.61 1.57
C TYR A 74 -2.92 13.23 1.19
N ASP A 75 -2.98 12.93 -0.10
CA ASP A 75 -2.56 11.63 -0.64
C ASP A 75 -1.22 11.79 -1.37
N PHE A 76 -0.19 11.12 -0.87
CA PHE A 76 1.15 11.16 -1.46
C PHE A 76 1.57 9.80 -2.02
N THR A 77 0.60 8.98 -2.47
CA THR A 77 0.93 7.68 -3.04
C THR A 77 1.89 7.83 -4.22
N ASP A 78 2.96 7.01 -4.21
CA ASP A 78 3.97 7.00 -5.27
C ASP A 78 4.67 8.34 -5.43
N VAL A 79 4.71 9.14 -4.37
CA VAL A 79 5.44 10.40 -4.37
C VAL A 79 6.77 10.17 -3.69
N LYS A 80 7.85 10.52 -4.37
CA LYS A 80 9.19 10.54 -3.78
C LYS A 80 9.54 11.99 -3.60
N LEU A 81 9.72 12.39 -2.37
CA LEU A 81 10.08 13.77 -2.05
C LEU A 81 11.53 13.72 -1.56
N ASN A 82 12.44 14.27 -2.35
CA ASN A 82 13.85 14.30 -2.03
C ASN A 82 14.20 15.70 -1.56
N ILE A 83 14.68 15.82 -0.34
CA ILE A 83 15.02 17.13 0.23
C ILE A 83 16.52 17.15 0.45
N ASN A 84 17.22 18.01 -0.28
CA ASN A 84 18.66 18.10 -0.13
C ASN A 84 19.02 18.67 1.25
N THR A 85 19.94 17.99 1.95
CA THR A 85 20.29 18.42 3.29
C THR A 85 20.87 19.83 3.33
N VAL A 86 21.37 20.35 2.21
CA VAL A 86 21.78 21.75 2.16
C VAL A 86 20.66 22.70 2.57
N VAL A 87 19.40 22.29 2.39
CA VAL A 87 18.27 23.14 2.75
C VAL A 87 18.27 23.44 4.24
N LEU A 88 18.84 22.54 5.05
CA LEU A 88 18.92 22.75 6.49
C LEU A 88 19.86 23.89 6.88
N THR A 89 20.61 24.45 5.94
CA THR A 89 21.51 25.56 6.20
C THR A 89 21.05 26.86 5.55
N LYS A 90 19.86 26.89 4.95
CA LYS A 90 19.43 28.03 4.15
C LYS A 90 18.51 28.99 4.89
N PHE A 91 18.27 28.77 6.18
CA PHE A 91 17.37 29.61 6.96
C PHE A 91 18.08 30.25 8.15
N GLY A 92 19.38 30.50 8.00
CA GLY A 92 20.09 31.14 9.07
C GLY A 92 20.32 30.19 10.23
N ASN A 93 20.52 30.79 11.40
CA ASN A 93 20.76 30.04 12.63
C ASN A 93 19.43 29.71 13.32
N ASN A 94 18.60 28.98 12.60
CA ASN A 94 17.24 28.68 13.04
C ASN A 94 16.91 27.22 12.82
N GLU A 95 15.89 26.77 13.54
CA GLU A 95 15.35 25.43 13.37
C GLU A 95 14.75 25.28 11.98
N VAL A 96 14.97 24.13 11.36
CA VAL A 96 14.37 23.82 10.07
C VAL A 96 13.52 22.58 10.25
N ASN A 97 12.21 22.72 10.09
CA ASN A 97 11.28 21.60 10.14
C ASN A 97 10.82 21.34 8.70
N GLU A 98 10.95 20.10 8.24
CA GLU A 98 10.49 19.81 6.88
C GLU A 98 8.97 19.83 6.79
N ILE A 99 8.29 19.15 7.72
CA ILE A 99 6.83 19.09 7.75
C ILE A 99 6.38 19.42 9.16
N GLN A 100 5.44 20.34 9.30
CA GLN A 100 4.80 20.57 10.59
C GLN A 100 3.30 20.68 10.39
N ILE A 101 2.52 19.98 11.22
CA ILE A 101 1.07 20.07 11.19
C ILE A 101 0.62 20.92 12.38
N LEU A 102 -0.07 22.03 12.09
CA LEU A 102 -0.64 22.91 13.11
C LEU A 102 -2.14 22.78 13.24
N GLY A 103 -2.83 22.39 12.17
CA GLY A 103 -4.27 22.24 12.17
C GLY A 103 -4.71 20.94 12.82
N ASN A 104 -6.01 20.66 12.69
CA ASN A 104 -6.63 19.50 13.31
C ASN A 104 -7.29 18.59 12.30
N ASN A 105 -7.43 17.32 12.70
CA ASN A 105 -8.24 16.34 11.96
C ASN A 105 -7.74 16.17 10.52
N ASN A 106 -6.43 16.20 10.34
CA ASN A 106 -5.83 16.01 9.02
C ASN A 106 -5.31 14.58 8.90
N VAL A 107 -5.28 14.08 7.67
CA VAL A 107 -4.69 12.79 7.36
C VAL A 107 -3.71 12.95 6.21
N LEU A 108 -2.45 12.57 6.45
N LEU A 108 -2.45 12.61 6.46
CA LEU A 108 -1.40 12.55 5.44
CA LEU A 108 -1.43 12.54 5.43
C LEU A 108 -0.96 11.10 5.23
C LEU A 108 -1.02 11.09 5.23
N LYS A 109 -0.92 10.65 3.98
CA LYS A 109 -0.67 9.24 3.70
C LYS A 109 0.37 9.01 2.60
N ASN A 110 1.22 8.01 2.83
CA ASN A 110 2.02 7.26 1.85
C ASN A 110 3.21 7.99 1.27
N LEU A 111 3.61 9.13 1.83
CA LEU A 111 4.75 9.86 1.31
C LEU A 111 6.05 9.11 1.54
N LYS A 112 6.92 9.13 0.55
CA LYS A 112 8.30 8.66 0.73
C LYS A 112 9.19 9.89 0.73
N LEU A 113 9.72 10.22 1.91
CA LEU A 113 10.50 11.43 2.11
C LEU A 113 11.93 11.02 2.43
N GLU A 114 12.89 11.55 1.67
CA GLU A 114 14.28 11.19 1.85
C GLU A 114 15.14 12.44 1.90
N ASP A 115 15.93 12.56 2.98
CA ASP A 115 16.99 13.56 3.02
C ASP A 115 18.14 13.12 2.13
N ILE A 116 18.61 14.00 1.27
CA ILE A 116 19.68 13.70 0.33
C ILE A 116 20.98 14.31 0.84
N GLY A 117 22.01 13.49 0.92
CA GLY A 117 23.29 13.95 1.44
C GLY A 117 23.33 13.93 2.96
N THR A 118 24.45 14.41 3.51
CA THR A 118 24.65 14.35 4.95
C THR A 118 25.04 15.71 5.52
N THR A 119 24.67 16.79 4.84
CA THR A 119 24.97 18.13 5.35
C THR A 119 24.27 18.37 6.68
N ALA A 120 25.02 18.92 7.64
CA ALA A 120 24.48 19.19 8.97
C ALA A 120 23.65 20.47 8.97
N PRO A 121 22.62 20.55 9.83
CA PRO A 121 21.85 21.80 9.94
C PRO A 121 22.73 22.91 10.49
N SER A 122 22.37 24.16 10.14
CA SER A 122 23.07 25.32 10.72
C SER A 122 22.83 25.41 12.22
N ASN A 123 21.66 24.93 12.66
CA ASN A 123 21.35 24.89 14.08
C ASN A 123 20.84 23.50 14.43
N ARG A 124 19.65 23.13 13.95
CA ARG A 124 19.10 21.80 14.19
C ARG A 124 17.90 21.62 13.26
N ALA A 125 17.41 20.38 13.17
CA ALA A 125 16.28 20.10 12.27
C ALA A 125 15.38 19.01 12.85
N GLN A 126 14.12 19.02 12.38
CA GLN A 126 13.13 17.98 12.64
C GLN A 126 12.48 17.62 11.31
N SER A 127 12.31 16.32 11.04
CA SER A 127 11.67 15.96 9.79
C SER A 127 10.17 16.26 9.83
N ILE A 128 9.49 15.81 10.87
CA ILE A 128 8.04 15.98 10.98
C ILE A 128 7.69 16.37 12.41
N VAL A 129 6.82 17.37 12.55
CA VAL A 129 6.29 17.80 13.85
C VAL A 129 4.77 17.80 13.77
N ILE A 130 4.11 17.09 14.68
CA ILE A 130 2.65 16.98 14.65
C ILE A 130 2.10 17.72 15.86
N ASP A 131 1.61 18.94 15.64
CA ASP A 131 0.88 19.66 16.66
C ASP A 131 -0.62 19.48 16.39
N GLY A 132 -1.46 20.36 16.95
CA GLY A 132 -2.89 20.24 16.72
C GLY A 132 -3.48 19.00 17.38
N ARG A 133 -4.65 18.62 16.93
CA ARG A 133 -5.29 17.45 17.51
C ARG A 133 -5.92 16.57 16.44
N ASP A 134 -5.97 15.28 16.74
CA ASP A 134 -6.64 14.28 15.91
C ASP A 134 -6.05 14.20 14.50
N ASN A 135 -4.74 14.41 14.40
CA ASN A 135 -4.07 14.23 13.11
C ASN A 135 -3.51 12.82 13.00
N ARG A 136 -3.38 12.35 11.77
CA ARG A 136 -2.79 11.04 11.52
C ARG A 136 -1.84 11.13 10.33
N ILE A 137 -0.66 10.54 10.49
CA ILE A 137 0.30 10.32 9.41
C ILE A 137 0.41 8.82 9.25
N GLU A 138 0.13 8.33 8.05
CA GLU A 138 0.04 6.90 7.82
C GLU A 138 0.84 6.50 6.59
N GLY A 139 1.56 5.38 6.70
CA GLY A 139 2.22 4.81 5.53
C GLY A 139 3.40 5.60 5.00
N PHE A 140 3.96 6.51 5.79
CA PHE A 140 5.12 7.25 5.32
C PHE A 140 6.36 6.35 5.33
N HIS A 141 7.30 6.66 4.44
CA HIS A 141 8.63 6.09 4.49
C HIS A 141 9.62 7.24 4.58
N LEU A 142 10.34 7.34 5.69
CA LEU A 142 11.18 8.49 6.00
C LEU A 142 12.62 8.04 6.15
N THR A 143 13.54 8.72 5.46
CA THR A 143 14.97 8.51 5.67
C THR A 143 15.59 9.83 6.09
N ILE A 144 16.17 9.85 7.28
CA ILE A 144 16.68 11.07 7.91
C ILE A 144 18.20 11.09 7.84
N ARG A 145 18.77 12.19 7.32
CA ARG A 145 20.20 12.38 7.27
C ARG A 145 20.59 13.83 7.52
N GLY A 146 21.85 14.01 7.94
CA GLY A 146 22.45 15.32 8.10
C GLY A 146 22.41 15.83 9.52
N SER A 147 23.56 15.83 10.22
CA SER A 147 23.63 16.14 11.65
C SER A 147 25.10 16.28 12.01
N TYR A 148 25.36 16.82 13.21
CA TYR A 148 26.73 16.92 13.73
C TYR A 148 26.69 16.85 15.25
N PRO A 149 27.67 16.20 15.91
CA PRO A 149 28.62 15.25 15.30
C PRO A 149 27.87 13.97 15.01
N TYR A 150 28.27 13.25 13.96
CA TYR A 150 27.67 11.97 13.63
C TYR A 150 28.74 10.90 13.76
N GLY A 151 28.52 9.95 14.67
CA GLY A 151 29.50 8.91 14.89
C GLY A 151 29.80 8.64 16.36
N TYR A 152 29.24 9.46 17.25
CA TYR A 152 29.52 9.31 18.67
C TYR A 152 28.30 9.07 19.54
N GLY A 153 27.10 9.00 18.98
CA GLY A 153 25.94 8.98 19.87
C GLY A 153 25.94 10.23 20.73
N ASP A 154 25.56 10.07 21.99
CA ASP A 154 25.45 11.22 22.90
C ASP A 154 26.66 11.34 23.81
N ALA A 155 27.77 10.66 23.48
CA ALA A 155 28.92 10.61 24.38
C ALA A 155 29.45 12.00 24.69
N PHE A 156 29.38 12.92 23.72
CA PHE A 156 29.95 14.24 23.92
C PHE A 156 28.88 15.32 24.03
N GLY A 157 27.64 14.93 24.33
CA GLY A 157 26.61 15.92 24.65
C GLY A 157 25.39 15.81 23.77
N LYS A 158 24.23 15.74 24.42
CA LYS A 158 22.95 15.76 23.72
C LYS A 158 22.08 16.96 24.10
N GLY A 159 22.54 17.81 25.01
CA GLY A 159 21.79 18.99 25.39
C GLY A 159 22.72 20.17 25.60
N GLY A 160 22.53 20.92 26.67
CA GLY A 160 23.44 21.99 27.00
C GLY A 160 24.74 21.49 27.60
N GLY A 161 25.73 22.37 27.61
CA GLY A 161 27.03 22.06 28.17
C GLY A 161 27.75 20.92 27.49
N SER A 162 27.61 20.82 26.17
CA SER A 162 28.19 19.68 25.45
C SER A 162 29.71 19.80 25.35
N VAL A 163 30.36 18.62 25.32
CA VAL A 163 31.81 18.57 25.07
C VAL A 163 32.09 18.84 23.60
N ILE A 164 31.25 18.33 22.71
CA ILE A 164 31.30 18.66 21.29
C ILE A 164 29.93 19.23 20.92
N ASN A 165 29.91 20.49 20.48
CA ASN A 165 28.63 21.13 20.16
C ASN A 165 27.95 20.42 19.01
N HIS A 166 26.62 20.31 19.09
CA HIS A 166 25.87 19.48 18.17
C HIS A 166 24.90 20.29 17.31
N ARG A 167 24.55 19.68 16.18
CA ARG A 167 23.55 20.15 15.23
C ARG A 167 22.65 18.95 15.00
N LYS A 168 21.69 18.75 15.90
CA LYS A 168 20.92 17.51 15.83
C LYS A 168 19.86 17.56 14.75
N HIS A 169 19.47 16.38 14.30
CA HIS A 169 18.42 16.26 13.29
C HIS A 169 17.60 15.02 13.66
N SER A 170 16.37 15.27 14.10
CA SER A 170 15.50 14.21 14.61
C SER A 170 14.39 13.95 13.61
N GLY A 171 13.69 12.84 13.84
CA GLY A 171 12.73 12.33 12.90
C GLY A 171 11.33 12.86 13.09
N VAL A 172 10.49 12.07 13.74
CA VAL A 172 9.09 12.44 13.95
C VAL A 172 8.91 12.86 15.39
N LEU A 173 8.34 14.06 15.60
CA LEU A 173 8.04 14.58 16.93
C LEU A 173 6.52 14.69 17.06
N ILE A 174 5.93 13.89 17.95
CA ILE A 174 4.50 13.87 18.15
C ILE A 174 4.16 14.73 19.36
N ARG A 175 3.34 15.75 19.13
CA ARG A 175 2.89 16.65 20.18
C ARG A 175 1.37 16.68 20.16
N GLY A 176 0.76 17.81 20.52
CA GLY A 176 -0.67 17.94 20.35
C GLY A 176 -1.50 16.95 21.17
N LEU A 177 -2.65 16.58 20.61
CA LEU A 177 -3.67 15.78 21.29
C LEU A 177 -4.18 14.70 20.35
N ARG A 178 -4.15 13.44 20.82
CA ARG A 178 -4.65 12.30 20.04
C ARG A 178 -4.03 12.24 18.66
N ASN A 179 -2.74 12.57 18.56
CA ASN A 179 -2.05 12.47 17.28
C ASN A 179 -1.51 11.06 17.09
N HIS A 180 -1.47 10.61 15.84
CA HIS A 180 -1.35 9.19 15.51
C HIS A 180 -0.35 9.00 14.38
N LEU A 181 0.69 8.19 14.63
CA LEU A 181 1.64 7.76 13.62
C LEU A 181 1.43 6.27 13.37
N LYS A 182 1.05 5.91 12.13
CA LYS A 182 0.64 4.53 11.87
C LYS A 182 1.30 3.94 10.63
N ASP A 183 1.86 2.73 10.78
CA ASP A 183 2.37 1.95 9.65
C ASP A 183 3.37 2.74 8.80
N CYS A 184 4.28 3.43 9.47
CA CYS A 184 5.38 4.15 8.84
C CYS A 184 6.69 3.39 9.00
N THR A 185 7.61 3.61 8.06
CA THR A 185 8.98 3.15 8.15
C THR A 185 9.84 4.39 8.36
N ILE A 186 10.56 4.46 9.48
CA ILE A 186 11.40 5.63 9.80
C ILE A 186 12.83 5.13 9.96
N ILE A 187 13.68 5.48 9.00
N ILE A 187 13.68 5.49 9.01
CA ILE A 187 15.09 5.10 8.98
CA ILE A 187 15.08 5.08 9.00
C ILE A 187 15.91 6.35 9.27
C ILE A 187 15.93 6.32 9.25
N SER A 188 16.73 6.31 10.30
CA SER A 188 17.62 7.41 10.64
C SER A 188 19.07 7.04 10.43
N ARG A 189 19.80 7.94 9.78
CA ARG A 189 21.25 7.95 9.76
C ARG A 189 21.72 9.30 10.24
N SER A 190 21.07 9.78 11.31
CA SER A 190 21.28 11.13 11.81
C SER A 190 21.36 11.08 13.32
N TYR A 191 22.12 12.02 13.89
CA TYR A 191 22.20 12.14 15.34
C TYR A 191 20.98 12.93 15.82
N GLY A 192 19.97 12.21 16.33
CA GLY A 192 18.75 12.78 16.86
C GLY A 192 17.80 11.66 17.23
N HIS A 193 16.67 12.02 17.84
CA HIS A 193 15.67 10.99 18.11
C HIS A 193 15.07 10.49 16.79
N ILE A 194 14.59 9.26 16.79
CA ILE A 194 13.94 8.76 15.57
C ILE A 194 12.45 9.06 15.66
N VAL A 195 11.79 8.57 16.72
CA VAL A 195 10.42 8.96 17.02
C VAL A 195 10.36 9.42 18.46
N ALA A 196 9.73 10.57 18.71
CA ALA A 196 9.66 11.09 20.06
C ALA A 196 8.29 11.71 20.31
N MET A 197 7.97 11.87 21.60
CA MET A 197 6.74 12.53 22.00
C MET A 197 7.12 13.71 22.88
N GLN A 198 6.46 14.85 22.66
CA GLN A 198 6.75 16.05 23.42
C GLN A 198 5.45 16.81 23.69
N ALA A 199 5.11 16.99 24.97
CA ALA A 199 3.87 17.66 25.39
C ALA A 199 2.64 17.04 24.72
N ALA A 200 2.71 15.75 24.40
CA ALA A 200 1.65 15.08 23.67
C ALA A 200 0.67 14.46 24.66
N SER A 201 -0.61 14.70 24.45
CA SER A 201 -1.66 14.02 25.20
C SER A 201 -2.28 12.94 24.31
N TYR A 202 -2.31 11.71 24.82
CA TYR A 202 -2.81 10.55 24.09
C TYR A 202 -2.19 10.36 22.70
N PRO A 203 -0.86 10.43 22.58
CA PRO A 203 -0.24 10.06 21.30
C PRO A 203 -0.29 8.55 21.11
N THR A 204 -0.36 8.13 19.84
CA THR A 204 -0.30 6.70 19.51
C THR A 204 0.73 6.47 18.41
N VAL A 205 1.59 5.48 18.62
CA VAL A 205 2.52 5.00 17.60
C VAL A 205 2.14 3.55 17.33
N GLU A 206 1.78 3.25 16.09
CA GLU A 206 1.21 1.94 15.79
C GLU A 206 1.82 1.37 14.51
N GLY A 207 2.30 0.13 14.58
CA GLY A 207 2.73 -0.58 13.39
C GLY A 207 3.92 0.01 12.68
N CYS A 208 4.80 0.69 13.39
CA CYS A 208 5.90 1.37 12.74
C CYS A 208 7.17 0.51 12.77
N TYR A 209 8.01 0.69 11.76
CA TYR A 209 9.36 0.12 11.75
C TYR A 209 10.35 1.26 11.88
N ILE A 210 11.20 1.20 12.92
CA ILE A 210 12.02 2.32 13.36
C ILE A 210 13.46 1.83 13.46
N GLU A 211 14.37 2.46 12.72
CA GLU A 211 15.69 1.85 12.58
C GLU A 211 16.83 2.88 12.57
N GLY A 212 17.84 2.66 13.41
CA GLY A 212 19.07 3.42 13.33
C GLY A 212 20.28 2.57 12.95
N GLU A 213 21.46 2.92 13.45
CA GLU A 213 22.65 2.11 13.21
C GLU A 213 23.58 2.27 14.40
N MET A 214 24.54 1.35 14.52
CA MET A 214 25.36 1.24 15.71
C MET A 214 26.84 1.48 15.42
N ARG A 215 27.58 1.80 16.48
CA ARG A 215 29.04 1.91 16.43
C ARG A 215 29.61 1.58 17.79
N SER A 216 30.65 0.74 17.85
CA SER A 216 31.23 0.42 19.15
C SER A 216 32.06 1.57 19.70
N THR A 217 32.09 1.66 21.03
CA THR A 217 32.98 2.64 21.67
C THR A 217 34.43 2.32 21.39
N ASP A 218 34.75 1.03 21.18
CA ASP A 218 36.11 0.66 20.80
C ASP A 218 36.50 1.25 19.46
N ASP A 219 35.59 1.22 18.48
CA ASP A 219 35.87 1.87 17.20
C ASP A 219 36.05 3.37 17.37
N MET A 220 35.24 4.00 18.22
CA MET A 220 35.44 5.42 18.49
C MET A 220 36.80 5.65 19.12
N LEU A 221 37.17 4.82 20.09
CA LEU A 221 38.45 5.00 20.76
C LEU A 221 39.62 4.80 19.80
N ALA A 222 39.43 4.03 18.73
CA ALA A 222 40.47 3.84 17.72
C ALA A 222 40.77 5.12 16.95
N GLU A 223 40.01 6.19 17.17
CA GLU A 223 40.34 7.48 16.59
C GLU A 223 41.51 8.16 17.29
N GLU A 224 42.08 7.55 18.34
CA GLU A 224 43.23 8.13 19.02
C GLU A 224 44.30 8.50 18.00
N GLY A 225 44.78 9.73 18.10
CA GLY A 225 45.86 10.21 17.27
C GLY A 225 45.47 10.67 15.89
N THR A 226 44.17 10.62 15.54
CA THR A 226 43.72 11.05 14.22
C THR A 226 43.43 12.54 14.14
N GLY A 227 43.26 13.22 15.26
CA GLY A 227 42.76 14.58 15.21
C GLY A 227 41.25 14.71 15.07
N SER A 228 40.51 13.64 15.27
CA SER A 228 39.07 13.69 15.27
C SER A 228 38.56 14.57 16.41
N PRO A 229 37.29 15.00 16.34
CA PRO A 229 36.72 15.81 17.43
C PRO A 229 36.79 15.13 18.80
N ALA A 230 36.54 13.81 18.84
CA ALA A 230 36.69 13.04 20.08
C ALA A 230 38.15 12.93 20.50
N ASP A 231 39.05 12.72 19.54
CA ASP A 231 40.49 12.68 19.85
C ASP A 231 40.95 14.00 20.47
N LYS A 232 40.41 15.12 20.00
CA LYS A 232 40.79 16.44 20.51
C LYS A 232 40.42 16.65 21.96
N VAL A 233 39.32 16.05 22.44
CA VAL A 233 38.93 16.16 23.85
C VAL A 233 39.39 14.95 24.65
N ASP A 234 40.31 14.15 24.10
CA ASP A 234 40.84 12.94 24.74
C ASP A 234 39.70 12.02 25.18
N PHE A 235 38.61 12.01 24.41
CA PHE A 235 37.48 11.10 24.61
C PHE A 235 36.79 11.33 25.95
N MET A 236 36.93 12.53 26.49
CA MET A 236 36.29 12.86 27.76
C MET A 236 34.81 13.09 27.50
N THR A 237 33.96 12.23 28.07
CA THR A 237 32.54 12.32 27.80
C THR A 237 31.85 13.35 28.69
N VAL A 238 30.59 13.62 28.36
CA VAL A 238 29.78 14.49 29.21
C VAL A 238 29.39 13.80 30.50
N TRP A 239 29.60 12.48 30.61
CA TRP A 239 29.27 11.77 31.85
C TRP A 239 30.36 11.92 32.93
N GLY A 240 31.47 12.56 32.60
CA GLY A 240 32.52 12.83 33.57
C GLY A 240 33.69 11.88 33.56
N TYR A 241 33.80 11.03 32.55
CA TYR A 241 34.90 10.08 32.47
C TYR A 241 35.22 9.80 31.02
N LYS A 242 36.43 9.29 30.79
CA LYS A 242 36.83 8.89 29.46
C LYS A 242 35.92 7.79 28.95
N LEU A 243 35.60 7.88 27.65
CA LEU A 243 34.71 6.93 27.00
C LEU A 243 35.19 5.49 27.22
N PRO A 244 34.39 4.63 27.85
CA PRO A 244 34.87 3.28 28.15
C PRO A 244 34.77 2.36 26.94
N ALA A 245 35.73 1.45 26.86
CA ALA A 245 35.71 0.42 25.84
C ALA A 245 34.63 -0.61 26.17
N GLY A 246 34.27 -1.39 25.15
CA GLY A 246 33.43 -2.57 25.33
C GLY A 246 31.93 -2.35 25.28
N TYR A 247 31.47 -1.23 24.73
CA TYR A 247 30.04 -0.95 24.58
C TYR A 247 29.68 -0.75 23.11
N MET A 248 28.43 -1.06 22.78
CA MET A 248 27.89 -0.80 21.46
C MET A 248 26.88 0.34 21.55
N MET A 249 27.14 1.43 20.85
CA MET A 249 26.27 2.60 20.92
C MET A 249 25.48 2.79 19.64
N SER A 250 24.28 3.36 19.78
CA SER A 250 23.56 3.84 18.61
C SER A 250 24.08 5.21 18.22
N LEU A 251 24.09 5.47 16.93
CA LEU A 251 24.40 6.81 16.46
C LEU A 251 23.19 7.73 16.53
N GLN A 252 22.01 7.17 16.79
CA GLN A 252 20.78 7.91 16.98
C GLN A 252 20.53 8.08 18.48
N GLU A 253 19.49 8.82 18.81
CA GLU A 253 18.97 8.88 20.18
C GLU A 253 17.83 7.89 20.32
N GLY A 254 16.70 8.24 20.94
CA GLY A 254 15.66 7.27 21.23
C GLY A 254 14.95 6.76 20.00
N GLY A 255 14.57 5.49 20.06
CA GLY A 255 13.74 4.90 19.03
C GLY A 255 12.32 5.42 19.14
N ILE A 256 11.68 5.19 20.29
CA ILE A 256 10.46 5.89 20.69
C ILE A 256 10.67 6.43 22.09
N ARG A 257 10.66 7.76 22.25
CA ARG A 257 11.05 8.36 23.51
C ARG A 257 10.14 9.53 23.86
N ALA A 258 9.70 9.60 25.11
CA ALA A 258 8.92 10.75 25.57
C ALA A 258 9.86 11.76 26.23
N TYR A 259 9.74 13.02 25.80
CA TYR A 259 10.46 14.13 26.39
C TYR A 259 9.93 14.40 27.79
N ASN A 260 10.78 15.01 28.62
CA ASN A 260 10.35 15.37 29.97
C ASN A 260 9.32 16.49 29.95
N ALA A 261 9.59 17.53 29.17
CA ALA A 261 8.72 18.69 29.13
C ALA A 261 8.43 19.03 27.68
N GLY A 262 8.28 20.31 27.39
CA GLY A 262 8.10 20.76 26.03
C GLY A 262 6.81 21.54 25.85
N THR A 263 6.65 22.01 24.64
CA THR A 263 5.54 22.88 24.27
C THR A 263 4.81 22.32 23.06
N THR A 264 3.49 22.48 23.03
CA THR A 264 2.71 22.19 21.84
C THR A 264 1.74 23.33 21.60
N TYR A 265 1.08 23.28 20.44
CA TYR A 265 0.15 24.32 20.02
C TYR A 265 -1.12 23.65 19.52
N ILE A 266 -2.26 24.06 20.06
CA ILE A 266 -3.57 23.55 19.63
C ILE A 266 -4.55 24.73 19.57
N ASP A 267 -5.11 24.99 18.39
CA ASP A 267 -6.11 26.05 18.22
C ASP A 267 -5.58 27.39 18.73
N GLY A 268 -4.31 27.67 18.45
CA GLY A 268 -3.68 28.93 18.81
C GLY A 268 -3.26 29.05 20.26
N VAL A 269 -3.43 27.99 21.07
CA VAL A 269 -3.07 28.01 22.48
C VAL A 269 -1.71 27.35 22.61
N GLU A 270 -0.76 28.04 23.23
CA GLU A 270 0.54 27.47 23.50
C GLU A 270 0.47 26.73 24.82
N ILE A 271 0.87 25.46 24.81
CA ILE A 271 0.77 24.64 25.98
C ILE A 271 2.06 23.98 26.34
N GLN A 272 2.48 24.19 27.57
CA GLN A 272 3.65 23.54 28.09
C GLN A 272 3.15 22.52 29.08
N ARG A 273 3.51 21.28 28.84
CA ARG A 273 3.14 20.18 29.65
C ARG A 273 4.01 18.93 29.38
N ALA A 274 3.91 17.95 30.26
CA ALA A 274 4.51 16.66 30.00
C ALA A 274 3.65 15.89 29.00
N THR A 275 4.21 14.81 28.46
CA THR A 275 3.42 13.87 27.68
C THR A 275 2.58 13.01 28.63
N ASP A 276 1.34 12.72 28.23
CA ASP A 276 0.47 11.88 29.05
C ASP A 276 -0.24 10.86 28.19
N ASN A 277 -0.54 9.71 28.81
CA ASN A 277 -1.32 8.64 28.20
C ASN A 277 -0.78 8.16 26.84
N PRO A 278 0.51 7.84 26.74
CA PRO A 278 1.04 7.31 25.47
C PRO A 278 0.69 5.85 25.24
N THR A 279 0.48 5.51 23.97
CA THR A 279 0.19 4.14 23.56
C THR A 279 1.13 3.76 22.42
N VAL A 280 1.78 2.60 22.54
CA VAL A 280 2.67 2.11 21.50
C VAL A 280 2.27 0.68 21.18
N LEU A 281 1.96 0.41 19.91
CA LEU A 281 1.42 -0.89 19.50
C LEU A 281 2.15 -1.45 18.28
N ASN A 282 2.62 -2.69 18.39
N ASN A 282 2.61 -2.70 18.38
CA ASN A 282 3.07 -3.48 17.23
CA ASN A 282 3.05 -3.46 17.20
C ASN A 282 4.17 -2.76 16.45
C ASN A 282 4.16 -2.74 16.44
N CYS A 283 5.11 -2.19 17.17
CA CYS A 283 6.23 -1.48 16.58
C CYS A 283 7.46 -2.37 16.61
N THR A 284 8.34 -2.19 15.62
CA THR A 284 9.66 -2.82 15.64
C THR A 284 10.71 -1.72 15.64
N ILE A 285 11.58 -1.74 16.64
CA ILE A 285 12.61 -0.71 16.81
C ILE A 285 13.96 -1.38 16.78
N LYS A 286 14.85 -0.90 15.91
CA LYS A 286 16.13 -1.55 15.68
C LYS A 286 17.28 -0.55 15.74
N ASN A 287 18.30 -0.89 16.52
CA ASN A 287 19.57 -0.15 16.54
C ASN A 287 19.38 1.32 16.91
N ALA A 288 18.62 1.57 17.96
CA ALA A 288 18.47 2.90 18.55
C ALA A 288 19.01 2.89 19.97
N ARG A 289 19.10 4.08 20.57
CA ARG A 289 19.57 4.16 21.94
C ARG A 289 18.61 3.47 22.89
N THR A 290 17.33 3.48 22.55
CA THR A 290 16.34 2.75 23.32
C THR A 290 15.23 2.30 22.41
N GLY A 291 14.58 1.21 22.79
CA GLY A 291 13.43 0.71 22.05
C GLY A 291 12.24 1.59 22.33
N VAL A 292 11.73 1.54 23.57
CA VAL A 292 10.60 2.34 24.00
C VAL A 292 10.94 2.87 25.37
N THR A 293 11.05 4.19 25.51
N THR A 293 11.10 4.19 25.50
CA THR A 293 11.27 4.82 26.80
CA THR A 293 11.25 4.83 26.80
C THR A 293 10.18 5.87 27.02
C THR A 293 10.13 5.84 26.98
N LEU A 294 9.39 5.70 28.07
CA LEU A 294 8.28 6.60 28.36
C LEU A 294 8.26 7.01 29.82
N ALA A 295 9.37 6.86 30.54
CA ALA A 295 9.37 7.10 31.98
C ALA A 295 8.96 8.52 32.31
N HIS A 296 9.28 9.48 31.43
CA HIS A 296 8.93 10.88 31.66
C HIS A 296 7.46 11.19 31.40
N ALA A 297 6.73 10.30 30.74
CA ALA A 297 5.33 10.55 30.47
C ALA A 297 4.49 10.24 31.69
N ASN A 298 3.30 10.82 31.74
CA ASN A 298 2.35 10.60 32.82
C ASN A 298 1.12 9.84 32.32
N GLY A 299 0.17 9.64 33.22
CA GLY A 299 -1.05 8.95 32.81
C GLY A 299 -0.86 7.47 32.57
N THR A 300 -1.73 6.91 31.74
CA THR A 300 -1.72 5.49 31.44
C THR A 300 -0.73 5.21 30.33
N LYS A 301 0.27 4.37 30.60
CA LYS A 301 1.25 3.99 29.60
C LYS A 301 1.03 2.54 29.20
N TYR A 302 0.88 2.30 27.89
CA TYR A 302 0.56 0.97 27.40
C TYR A 302 1.41 0.67 26.18
N VAL A 303 2.20 -0.41 26.25
CA VAL A 303 3.06 -0.84 25.16
C VAL A 303 2.76 -2.31 24.91
N GLU A 304 2.40 -2.65 23.67
CA GLU A 304 2.01 -4.02 23.39
C GLU A 304 2.50 -4.48 22.01
N GLY A 305 2.92 -5.74 21.92
CA GLY A 305 3.25 -6.35 20.65
C GLY A 305 4.48 -5.81 19.96
N CYS A 306 5.44 -5.31 20.72
CA CYS A 306 6.58 -4.63 20.15
C CYS A 306 7.78 -5.58 20.10
N THR A 307 8.74 -5.22 19.26
CA THR A 307 9.94 -6.02 19.05
C THR A 307 11.11 -5.05 19.03
N VAL A 308 12.05 -5.20 19.95
CA VAL A 308 13.20 -4.30 20.04
C VAL A 308 14.45 -5.11 19.74
N LEU A 309 15.19 -4.70 18.70
CA LEU A 309 16.35 -5.47 18.25
C LEU A 309 17.59 -4.60 18.29
N GLY A 310 18.62 -5.08 18.99
CA GLY A 310 19.92 -4.43 18.97
C GLY A 310 19.90 -2.99 19.41
N CYS A 311 19.14 -2.69 20.45
CA CYS A 311 19.12 -1.35 21.03
C CYS A 311 19.96 -1.38 22.31
N GLU A 312 20.41 -0.19 22.74
CA GLU A 312 21.18 -0.13 23.98
C GLU A 312 20.29 -0.39 25.19
N ASN A 313 18.99 -0.24 25.02
CA ASN A 313 18.03 -0.43 26.10
C ASN A 313 16.73 -0.89 25.48
N GLY A 314 16.05 -1.80 26.14
CA GLY A 314 14.81 -2.35 25.61
C GLY A 314 13.60 -1.50 25.94
N TYR A 315 13.02 -1.71 27.13
CA TYR A 315 11.80 -1.03 27.55
C TYR A 315 12.03 -0.34 28.88
N SER A 316 11.69 0.95 28.95
CA SER A 316 11.82 1.74 30.19
C SER A 316 10.66 2.73 30.23
N ILE A 317 9.48 2.26 30.67
CA ILE A 317 8.31 3.12 30.69
C ILE A 317 8.01 3.68 32.07
N GLY A 318 8.84 3.38 33.07
CA GLY A 318 8.65 3.91 34.40
C GLY A 318 7.53 3.21 35.16
N SER A 319 6.31 3.28 34.63
CA SER A 319 5.13 2.71 35.23
C SER A 319 4.12 2.45 34.12
N GLY A 320 3.29 1.41 34.32
CA GLY A 320 2.28 1.06 33.34
C GLY A 320 2.40 -0.38 32.90
N THR A 321 2.10 -0.63 31.63
CA THR A 321 2.01 -1.99 31.11
C THR A 321 2.88 -2.17 29.86
N VAL A 322 3.73 -3.19 29.89
CA VAL A 322 4.43 -3.72 28.73
C VAL A 322 4.00 -5.16 28.60
N VAL A 323 3.34 -5.52 27.50
CA VAL A 323 2.78 -6.87 27.40
C VAL A 323 2.97 -7.42 25.99
N ASN A 324 3.26 -8.72 25.89
CA ASN A 324 3.49 -9.37 24.62
C ASN A 324 4.57 -8.63 23.82
N CYS A 325 5.65 -8.26 24.50
CA CYS A 325 6.73 -7.52 23.87
C CYS A 325 8.01 -8.34 23.96
N GLY A 326 8.95 -8.03 23.07
CA GLY A 326 10.19 -8.78 23.00
C GLY A 326 11.35 -7.85 22.73
N ALA A 327 12.54 -8.28 23.18
CA ALA A 327 13.77 -7.56 22.86
C ALA A 327 14.93 -8.53 22.97
N ASP A 328 15.95 -8.35 22.13
CA ASP A 328 17.16 -9.13 22.37
C ASP A 328 18.11 -8.36 23.29
N ALA A 329 19.17 -9.03 23.71
CA ALA A 329 20.05 -8.50 24.75
C ALA A 329 21.48 -8.35 24.26
N ILE A 330 21.66 -8.11 22.95
CA ILE A 330 23.01 -8.14 22.43
C ILE A 330 23.79 -6.90 22.83
N TYR A 331 23.14 -5.73 22.97
CA TYR A 331 23.89 -4.51 23.26
C TYR A 331 23.56 -3.88 24.61
N GLY A 332 22.52 -4.32 25.28
CA GLY A 332 22.13 -3.73 26.54
C GLY A 332 20.93 -4.47 27.09
N PRO A 333 20.48 -4.09 28.28
CA PRO A 333 19.40 -4.82 28.94
C PRO A 333 18.06 -4.66 28.22
N VAL A 334 17.21 -5.67 28.37
CA VAL A 334 15.88 -5.60 27.75
C VAL A 334 14.91 -4.75 28.54
N PHE A 335 15.25 -4.45 29.79
CA PHE A 335 14.34 -3.80 30.73
C PHE A 335 15.17 -3.01 31.71
N LYS A 336 14.79 -1.77 31.96
CA LYS A 336 15.43 -1.01 33.01
C LYS A 336 14.42 -0.12 33.71
N ASN A 337 14.35 -0.25 35.05
CA ASN A 337 13.66 0.75 35.85
C ASN A 337 14.49 2.03 35.83
N THR A 338 13.84 3.17 35.57
CA THR A 338 14.58 4.41 35.38
C THR A 338 15.08 4.98 36.70
N TYR A 339 14.18 5.07 37.69
CA TYR A 339 14.47 5.67 38.99
C TYR A 339 14.00 4.74 40.09
N GLY A 340 14.51 4.99 41.30
CA GLY A 340 14.01 4.27 42.48
C GLY A 340 12.59 4.63 42.86
N SER A 341 12.03 5.71 42.31
CA SER A 341 10.62 6.01 42.54
C SER A 341 9.70 5.36 41.52
N ASP A 342 10.24 4.58 40.57
CA ASP A 342 9.38 3.78 39.68
C ASP A 342 8.44 2.93 40.53
N LYS A 343 7.17 2.90 40.14
CA LYS A 343 6.15 2.18 40.89
C LYS A 343 5.09 1.65 39.93
N GLY A 344 4.70 0.39 40.10
CA GLY A 344 3.66 -0.18 39.28
C GLY A 344 4.03 -0.43 37.82
N TYR A 345 5.25 -0.87 37.58
CA TYR A 345 5.70 -1.27 36.25
C TYR A 345 5.36 -2.75 36.08
N ASN A 346 4.40 -3.04 35.22
CA ASN A 346 4.01 -4.42 34.96
C ASN A 346 4.51 -4.77 33.56
N ALA A 347 5.36 -5.79 33.47
CA ALA A 347 5.99 -6.09 32.20
C ALA A 347 6.01 -7.60 31.98
N ASP A 348 5.78 -8.00 30.73
CA ASP A 348 5.90 -9.38 30.29
C ASP A 348 6.76 -9.31 29.03
N ILE A 349 8.05 -9.60 29.15
CA ILE A 349 9.02 -9.38 28.08
C ILE A 349 9.68 -10.70 27.72
N THR A 350 9.74 -10.99 26.42
CA THR A 350 10.46 -12.15 25.92
C THR A 350 11.88 -11.72 25.53
N ILE A 351 12.88 -12.43 26.02
CA ILE A 351 14.25 -12.13 25.63
C ILE A 351 14.54 -12.92 24.37
N LEU A 352 14.64 -12.21 23.26
CA LEU A 352 14.69 -12.79 21.93
C LEU A 352 16.07 -13.37 21.62
N PRO A 353 16.14 -14.31 20.68
CA PRO A 353 17.44 -14.76 20.20
C PRO A 353 18.22 -13.61 19.66
N PRO A 354 19.56 -13.66 19.72
CA PRO A 354 20.37 -12.51 19.31
C PRO A 354 20.22 -12.20 17.83
N SER A 355 19.95 -10.93 17.52
CA SER A 355 19.86 -10.48 16.14
C SER A 355 21.22 -10.27 15.49
N ASP A 356 22.29 -10.35 16.25
CA ASP A 356 23.67 -10.19 15.79
C ASP A 356 24.58 -10.69 16.90
N ALA A 357 25.87 -10.50 16.73
CA ALA A 357 26.83 -10.94 17.75
C ALA A 357 26.66 -10.13 19.04
N TYR A 358 26.89 -10.80 20.17
CA TYR A 358 26.79 -10.12 21.46
C TYR A 358 27.89 -9.08 21.60
N TYR A 359 27.53 -7.93 22.15
CA TYR A 359 28.50 -6.90 22.47
C TYR A 359 27.88 -6.02 23.54
N ASN A 360 27.64 -6.62 24.71
CA ASN A 360 26.86 -6.00 25.79
C ASN A 360 27.81 -5.67 26.94
N GLY A 361 28.24 -4.42 27.00
CA GLY A 361 29.08 -3.95 28.08
C GLY A 361 28.36 -3.63 29.38
N HIS A 362 27.02 -3.66 29.38
CA HIS A 362 26.28 -3.32 30.59
C HIS A 362 26.28 -4.44 31.61
N ASP A 363 26.65 -5.66 31.20
CA ASP A 363 26.72 -6.82 32.10
C ASP A 363 25.37 -7.12 32.75
N ALA A 364 24.28 -6.92 32.02
CA ALA A 364 22.95 -7.14 32.55
C ALA A 364 21.94 -7.31 31.43
N VAL A 365 20.94 -8.17 31.67
CA VAL A 365 19.75 -8.23 30.81
C VAL A 365 18.59 -7.44 31.38
N ALA A 366 18.61 -7.09 32.67
CA ALA A 366 17.57 -6.28 33.26
C ALA A 366 18.12 -5.65 34.53
N TYR A 367 17.70 -4.41 34.79
CA TYR A 367 18.00 -3.73 36.04
C TYR A 367 16.68 -3.29 36.66
N ILE A 368 16.41 -3.79 37.85
CA ILE A 368 15.10 -3.69 38.47
C ILE A 368 15.22 -2.93 39.79
N GLY A 369 14.33 -1.96 39.99
CA GLY A 369 14.27 -1.21 41.22
C GLY A 369 12.95 -0.47 41.30
N GLY A 370 12.76 0.23 42.40
CA GLY A 370 11.47 0.86 42.62
C GLY A 370 10.61 -0.08 43.45
N SER A 371 9.29 0.01 43.34
CA SER A 371 8.41 -0.78 44.19
C SER A 371 7.15 -1.18 43.45
N ASN A 372 6.60 -2.31 43.88
CA ASN A 372 5.29 -2.80 43.44
C ASN A 372 5.26 -3.00 41.92
N HIS A 373 6.25 -3.71 41.41
CA HIS A 373 6.28 -4.14 40.03
C HIS A 373 5.88 -5.60 39.92
N ASN A 374 5.38 -5.97 38.75
CA ASN A 374 5.08 -7.36 38.44
C ASN A 374 5.77 -7.68 37.12
N LEU A 375 6.85 -8.42 37.17
CA LEU A 375 7.73 -8.58 36.03
C LEU A 375 7.86 -10.05 35.67
N THR A 376 7.67 -10.34 34.38
CA THR A 376 7.85 -11.67 33.82
C THR A 376 8.82 -11.59 32.66
N PHE A 377 9.81 -12.48 32.70
CA PHE A 377 10.79 -12.60 31.60
C PHE A 377 10.67 -14.03 31.03
N ARG A 378 10.55 -14.14 29.71
CA ARG A 378 10.48 -15.46 29.05
C ARG A 378 11.60 -15.55 28.00
N SER A 379 12.21 -16.71 27.84
CA SER A 379 13.26 -16.89 26.81
C SER A 379 13.55 -18.37 26.53
N GLU A 380 14.01 -18.64 25.32
CA GLU A 380 14.40 -20.02 24.94
C GLU A 380 15.93 -20.11 24.85
N ILE A 381 16.61 -19.03 25.24
CA ILE A 381 18.09 -19.00 25.17
C ILE A 381 18.64 -20.05 26.16
N THR A 382 19.56 -20.88 25.70
CA THR A 382 20.19 -21.90 26.56
C THR A 382 21.62 -21.45 26.90
N GLU A 383 22.28 -20.80 25.95
CA GLU A 383 23.69 -20.41 26.17
C GLU A 383 23.73 -19.00 26.75
N ILE A 384 23.94 -18.91 28.05
CA ILE A 384 23.89 -17.60 28.72
C ILE A 384 25.31 -16.99 28.74
N PRO A 385 25.57 -15.84 28.09
CA PRO A 385 26.86 -15.19 28.22
C PRO A 385 27.11 -14.95 29.72
N SER A 386 28.34 -15.19 30.16
CA SER A 386 28.62 -15.17 31.62
C SER A 386 28.36 -13.80 32.29
N ASN A 387 28.40 -12.74 31.51
CA ASN A 387 28.28 -11.40 32.12
C ASN A 387 26.80 -11.00 32.24
N LEU A 388 25.90 -11.78 31.66
CA LEU A 388 24.47 -11.39 31.62
C LEU A 388 23.68 -11.96 32.80
N LYS A 389 22.90 -11.09 33.41
CA LYS A 389 22.17 -11.45 34.61
C LYS A 389 21.01 -10.48 34.79
N ILE A 390 19.99 -10.96 35.49
CA ILE A 390 18.90 -10.12 35.94
C ILE A 390 19.32 -9.55 37.29
N MET A 391 19.39 -8.23 37.37
CA MET A 391 19.80 -7.54 38.60
C MET A 391 18.58 -6.93 39.26
N VAL A 392 18.37 -7.23 40.53
CA VAL A 392 17.46 -6.45 41.35
C VAL A 392 18.33 -5.62 42.28
N SER A 393 18.34 -4.31 42.05
CA SER A 393 19.17 -3.36 42.78
C SER A 393 20.62 -3.59 42.39
N GLY A 394 21.53 -2.85 43.01
CA GLY A 394 22.93 -3.03 42.73
C GLY A 394 23.49 -1.93 41.86
N ASP A 395 24.74 -2.12 41.46
CA ASP A 395 25.54 -1.11 40.77
C ASP A 395 25.64 -1.51 39.29
N LEU A 396 24.68 -1.02 38.50
CA LEU A 396 24.64 -1.35 37.08
C LEU A 396 25.85 -0.75 36.35
N GLN A 397 26.49 -1.57 35.51
CA GLN A 397 27.63 -1.10 34.71
C GLN A 397 27.14 -0.47 33.41
N GLY A 398 26.15 0.40 33.52
CA GLY A 398 25.63 1.07 32.35
C GLY A 398 26.56 2.16 31.84
N LEU A 399 26.64 2.29 30.52
CA LEU A 399 27.60 3.19 29.89
C LEU A 399 27.50 4.60 30.46
N ARG A 400 26.28 5.06 30.73
CA ARG A 400 26.04 6.43 31.16
C ARG A 400 25.84 6.58 32.67
N VAL A 401 26.01 5.50 33.43
CA VAL A 401 25.77 5.57 34.86
C VAL A 401 26.97 5.00 35.64
N LEU A 402 28.17 5.15 35.09
CA LEU A 402 29.36 4.77 35.82
C LEU A 402 29.84 5.92 36.70
N HIS A 403 30.56 5.56 37.77
CA HIS A 403 31.29 6.52 38.60
C HIS A 403 30.43 7.66 39.12
N GLY A 404 29.17 7.35 39.45
CA GLY A 404 28.28 8.37 39.96
C GLY A 404 27.56 9.21 38.91
N SER A 405 27.82 8.96 37.62
CA SER A 405 27.06 9.66 36.58
C SER A 405 25.58 9.31 36.65
N ASN A 406 24.73 10.32 36.44
CA ASN A 406 23.29 10.14 36.41
C ASN A 406 22.84 9.34 37.64
N PRO A 407 23.14 9.82 38.83
CA PRO A 407 23.08 8.96 40.03
C PRO A 407 21.69 8.48 40.37
N SER A 408 20.64 9.20 39.98
CA SER A 408 19.30 8.74 40.32
C SER A 408 18.87 7.57 39.46
N GLN A 409 19.62 7.27 38.41
CA GLN A 409 19.29 6.18 37.50
C GLN A 409 20.06 4.91 37.78
N ASN A 410 20.71 4.82 38.95
CA ASN A 410 21.52 3.67 39.30
C ASN A 410 21.55 3.54 40.81
N ASN A 411 21.95 2.36 41.29
CA ASN A 411 22.19 2.12 42.73
C ASN A 411 21.00 2.49 43.61
N PHE A 412 19.80 2.02 43.23
CA PHE A 412 18.63 2.29 44.04
C PHE A 412 17.97 0.98 44.45
N ALA A 413 17.16 1.09 45.51
CA ALA A 413 16.52 -0.06 46.13
C ALA A 413 15.31 -0.54 45.33
N GLY A 414 14.98 -1.82 45.53
CA GLY A 414 13.79 -2.45 44.99
C GLY A 414 13.04 -3.12 46.12
N THR A 415 11.72 -2.92 46.21
CA THR A 415 10.92 -3.43 47.33
C THR A 415 9.57 -3.90 46.82
N ASN A 416 9.10 -5.04 47.33
CA ASN A 416 7.78 -5.57 46.96
C ASN A 416 7.63 -5.70 45.44
N ILE A 417 8.43 -6.59 44.88
CA ILE A 417 8.43 -6.85 43.45
C ILE A 417 8.19 -8.32 43.20
N VAL A 418 7.30 -8.64 42.26
CA VAL A 418 7.13 -10.00 41.77
C VAL A 418 8.01 -10.18 40.55
N LEU A 419 8.91 -11.16 40.59
CA LEU A 419 9.82 -11.46 39.49
C LEU A 419 9.62 -12.90 39.06
N ARG A 420 8.98 -13.10 37.90
CA ARG A 420 8.78 -14.43 37.32
C ARG A 420 9.86 -14.64 36.26
N ASN A 421 10.88 -15.44 36.58
CA ASN A 421 12.01 -15.64 35.66
C ASN A 421 11.81 -16.95 34.91
N LEU A 422 11.11 -16.87 33.80
CA LEU A 422 10.94 -18.08 32.96
C LEU A 422 12.09 -18.11 31.95
N THR A 423 13.30 -17.91 32.44
CA THR A 423 14.51 -17.94 31.58
C THR A 423 15.66 -18.71 32.27
N ASN A 424 16.74 -18.94 31.53
CA ASN A 424 17.94 -19.63 32.08
C ASN A 424 18.90 -18.56 32.64
N PHE A 425 18.45 -17.31 32.60
CA PHE A 425 19.31 -16.21 33.04
C PHE A 425 19.49 -16.25 34.54
N PRO A 426 20.71 -15.96 35.05
N PRO A 426 20.71 -15.96 35.05
N PRO A 426 20.71 -15.96 35.05
CA PRO A 426 20.91 -15.91 36.49
CA PRO A 426 20.91 -15.91 36.49
CA PRO A 426 20.92 -15.91 36.48
C PRO A 426 20.24 -14.66 37.07
C PRO A 426 20.24 -14.66 37.07
C PRO A 426 20.23 -14.67 37.07
N VAL A 427 19.95 -14.68 38.37
CA VAL A 427 19.30 -13.52 39.03
C VAL A 427 20.20 -13.10 40.19
N ASP A 428 20.48 -11.79 40.29
CA ASP A 428 21.30 -11.27 41.41
C ASP A 428 20.48 -10.27 42.22
N LEU A 429 20.12 -10.67 43.43
CA LEU A 429 19.36 -9.79 44.33
C LEU A 429 20.38 -9.09 45.24
N HIS A 430 20.50 -7.79 45.07
CA HIS A 430 21.46 -7.01 45.87
C HIS A 430 20.94 -6.80 47.28
N SER A 431 21.84 -6.35 48.14
CA SER A 431 21.54 -6.09 49.56
C SER A 431 20.44 -5.03 49.71
N ASP A 432 20.33 -4.09 48.77
CA ASP A 432 19.31 -3.03 48.79
C ASP A 432 17.93 -3.58 48.41
N SER A 433 17.89 -4.82 47.91
CA SER A 433 16.62 -5.50 47.55
C SER A 433 15.90 -5.97 48.80
N SER A 434 14.57 -5.93 48.77
N SER A 434 14.56 -5.91 48.77
CA SER A 434 13.76 -6.39 49.93
CA SER A 434 13.77 -6.41 49.92
C SER A 434 12.39 -6.84 49.44
C SER A 434 12.40 -6.85 49.44
N ASN A 435 11.85 -7.90 50.04
CA ASN A 435 10.48 -8.34 49.68
C ASN A 435 10.35 -8.59 48.17
N ILE A 436 11.34 -9.26 47.62
CA ILE A 436 11.24 -9.65 46.19
C ILE A 436 10.72 -11.08 46.17
N THR A 437 9.63 -11.31 45.44
CA THR A 437 9.05 -12.64 45.30
C THR A 437 9.49 -13.21 43.95
N VAL A 438 10.43 -14.15 43.98
CA VAL A 438 11.09 -14.67 42.79
C VAL A 438 10.66 -16.12 42.55
N THR A 439 10.21 -16.39 41.33
CA THR A 439 10.03 -17.75 40.83
C THR A 439 10.93 -17.92 39.61
N SER A 440 11.57 -19.09 39.45
CA SER A 440 12.52 -19.22 38.36
C SER A 440 12.65 -20.68 37.95
N CYS A 441 13.09 -20.88 36.70
CA CYS A 441 13.25 -22.24 36.17
C CYS A 441 14.23 -23.04 37.00
N ASP A 442 15.36 -22.44 37.35
CA ASP A 442 16.30 -23.02 38.28
C ASP A 442 16.67 -21.95 39.29
N THR A 443 16.86 -22.36 40.55
CA THR A 443 17.25 -21.45 41.60
C THR A 443 18.72 -21.56 41.99
N ASP A 444 19.45 -22.53 41.42
CA ASP A 444 20.87 -22.67 41.75
C ASP A 444 21.67 -21.44 41.35
N ASN A 445 21.31 -20.78 40.25
CA ASN A 445 22.04 -19.61 39.75
C ASN A 445 21.44 -18.30 40.24
N ILE A 446 20.77 -18.31 41.39
CA ILE A 446 20.19 -17.11 41.99
C ILE A 446 21.01 -16.77 43.23
N THR A 447 21.55 -15.56 43.26
CA THR A 447 22.31 -15.06 44.40
C THR A 447 21.43 -14.07 45.15
N ASP A 448 21.18 -14.35 46.42
CA ASP A 448 20.28 -13.52 47.22
C ASP A 448 21.04 -12.89 48.38
N ASN A 449 21.30 -11.59 48.27
CA ASN A 449 21.89 -10.82 49.35
C ASN A 449 20.92 -9.80 49.95
N GLY A 450 19.64 -9.84 49.56
CA GLY A 450 18.66 -8.89 50.04
C GLY A 450 17.92 -9.39 51.28
N THR A 451 16.88 -8.64 51.65
CA THR A 451 16.13 -8.87 52.89
C THR A 451 14.73 -9.41 52.61
N ASN A 452 14.39 -10.54 53.24
CA ASN A 452 13.04 -11.12 53.17
C ASN A 452 12.63 -11.39 51.72
N ASN A 453 13.60 -11.84 50.93
CA ASN A 453 13.27 -12.25 49.54
C ASN A 453 12.85 -13.72 49.50
N SER A 454 11.91 -14.05 48.63
CA SER A 454 11.40 -15.43 48.48
C SER A 454 11.89 -15.96 47.13
N ILE A 455 12.44 -17.17 47.12
CA ILE A 455 12.99 -17.77 45.88
C ILE A 455 12.44 -19.17 45.76
N GLU A 456 11.68 -19.42 44.71
CA GLU A 456 11.02 -20.73 44.53
C GLU A 456 11.24 -21.24 43.11
N ALA A 457 11.37 -22.55 43.00
CA ALA A 457 11.64 -23.16 41.69
C ALA A 457 10.34 -23.50 40.98
N ILE A 458 10.33 -23.28 39.68
CA ILE A 458 9.15 -23.70 38.88
C ILE A 458 9.66 -24.66 37.80
N ASP A 459 8.78 -25.53 37.32
CA ASP A 459 9.20 -26.56 36.35
C ASP A 459 9.08 -25.96 34.94
N CYS A 460 10.22 -25.73 34.30
CA CYS A 460 10.24 -25.13 32.94
C CYS A 460 9.64 -23.73 32.97
N GLN B 18 -11.90 -35.22 3.07
CA GLN B 18 -11.40 -34.89 4.43
C GLN B 18 -10.85 -33.46 4.41
N THR B 19 -11.43 -32.51 5.15
CA THR B 19 -11.01 -31.09 5.02
C THR B 19 -9.94 -30.66 6.04
N THR B 20 -8.84 -30.11 5.52
CA THR B 20 -7.80 -29.58 6.41
C THR B 20 -8.05 -28.08 6.59
N THR B 21 -8.16 -27.64 7.83
CA THR B 21 -8.31 -26.20 8.11
C THR B 21 -6.98 -25.60 8.58
N VAL B 22 -6.56 -24.49 7.98
CA VAL B 22 -5.35 -23.78 8.38
C VAL B 22 -5.76 -22.37 8.80
N TYR B 23 -4.90 -21.77 9.63
CA TYR B 23 -5.21 -20.49 10.28
C TYR B 23 -4.18 -19.39 9.95
N SER B 24 -3.34 -19.60 8.94
CA SER B 24 -2.32 -18.63 8.54
C SER B 24 -2.03 -18.81 7.06
N LEU B 25 -1.62 -17.70 6.41
CA LEU B 25 -1.13 -17.82 5.05
C LEU B 25 0.10 -18.71 4.97
N GLU B 26 0.97 -18.62 5.98
CA GLU B 26 2.17 -19.45 6.02
C GLU B 26 1.82 -20.92 6.00
N ASP B 27 0.82 -21.34 6.78
CA ASP B 27 0.39 -22.73 6.78
C ASP B 27 -0.42 -23.12 5.56
N LEU B 28 -1.00 -22.14 4.84
CA LEU B 28 -1.70 -22.45 3.59
C LEU B 28 -0.72 -22.80 2.47
N LEU B 29 0.38 -22.06 2.36
CA LEU B 29 1.23 -22.17 1.18
C LEU B 29 1.71 -23.58 0.83
N PRO B 30 2.11 -24.44 1.78
CA PRO B 30 2.56 -25.77 1.38
C PRO B 30 1.51 -26.57 0.61
N TYR B 31 0.23 -26.38 0.92
CA TYR B 31 -0.79 -27.19 0.25
C TYR B 31 -0.88 -26.87 -1.22
N LEU B 32 -0.55 -25.64 -1.63
CA LEU B 32 -0.70 -25.26 -3.03
C LEU B 32 0.21 -26.07 -3.94
N LYS B 33 1.19 -26.76 -3.39
CA LYS B 33 2.09 -27.62 -4.13
C LYS B 33 1.63 -29.06 -4.20
N GLN B 34 0.53 -29.37 -3.53
CA GLN B 34 0.11 -30.77 -3.42
C GLN B 34 -1.15 -31.06 -4.22
N ASP B 35 -1.27 -32.31 -4.65
CA ASP B 35 -2.49 -32.74 -5.35
C ASP B 35 -3.52 -33.33 -4.40
N ASN B 36 -4.79 -33.36 -4.81
CA ASN B 36 -5.84 -34.09 -4.06
C ASN B 36 -5.97 -33.62 -2.62
N VAL B 37 -5.97 -32.31 -2.42
CA VAL B 37 -6.17 -31.76 -1.05
C VAL B 37 -7.49 -31.01 -0.94
N ASP B 38 -8.13 -31.07 0.23
CA ASP B 38 -9.34 -30.25 0.52
C ASP B 38 -8.90 -29.35 1.67
N VAL B 39 -8.84 -28.06 1.42
CA VAL B 39 -8.25 -27.13 2.40
C VAL B 39 -9.20 -25.95 2.63
N LYS B 40 -9.21 -25.49 3.86
CA LYS B 40 -10.05 -24.33 4.20
C LYS B 40 -9.17 -23.35 4.99
N LEU B 41 -9.15 -22.11 4.52
CA LEU B 41 -8.50 -21.06 5.28
C LEU B 41 -9.55 -20.45 6.20
N ALA B 42 -9.29 -20.46 7.50
CA ALA B 42 -10.32 -20.13 8.48
C ALA B 42 -10.81 -18.69 8.30
N PRO B 43 -12.09 -18.45 8.59
CA PRO B 43 -12.63 -17.08 8.52
C PRO B 43 -11.78 -16.09 9.29
N GLY B 44 -11.57 -14.95 8.65
CA GLY B 44 -10.76 -13.91 9.30
C GLY B 44 -10.09 -13.00 8.28
N THR B 45 -9.31 -12.05 8.79
CA THR B 45 -8.65 -11.07 7.91
C THR B 45 -7.15 -11.39 7.82
N TYR B 46 -6.64 -11.45 6.60
CA TYR B 46 -5.22 -11.76 6.36
C TYR B 46 -4.63 -10.62 5.53
N ASN B 47 -3.54 -10.07 6.00
CA ASN B 47 -2.89 -8.89 5.36
C ASN B 47 -1.51 -9.26 4.80
N VAL B 48 -1.25 -8.90 3.55
CA VAL B 48 0.08 -9.09 2.92
C VAL B 48 0.65 -7.70 2.71
N ASN B 49 1.80 -7.44 3.31
CA ASN B 49 2.45 -6.11 3.21
C ASN B 49 3.84 -6.28 2.63
N GLY B 50 4.52 -5.15 2.41
CA GLY B 50 5.86 -5.20 1.80
C GLY B 50 6.80 -6.04 2.64
N PHE B 51 6.61 -6.02 3.96
CA PHE B 51 7.48 -6.79 4.90
C PHE B 51 7.32 -8.31 4.68
N ASP B 52 6.24 -8.71 4.00
CA ASP B 52 5.96 -10.16 3.84
C ASP B 52 6.68 -10.72 2.61
N VAL B 53 7.39 -9.87 1.87
CA VAL B 53 8.10 -10.27 0.61
C VAL B 53 9.61 -10.21 0.82
N GLY B 54 10.29 -11.34 0.58
CA GLY B 54 11.76 -11.42 0.78
C GLY B 54 12.19 -12.88 0.76
N GLU B 55 13.49 -13.16 0.68
CA GLU B 55 13.96 -14.56 0.55
C GLU B 55 13.53 -15.37 1.78
N ASP B 56 13.65 -14.78 2.98
CA ASP B 56 13.30 -15.50 4.23
C ASP B 56 11.86 -15.17 4.63
N ARG B 57 11.16 -14.36 3.84
CA ARG B 57 9.79 -13.93 4.22
C ARG B 57 8.72 -14.88 3.67
N LEU B 58 7.44 -14.60 3.95
CA LEU B 58 6.33 -15.47 3.53
C LEU B 58 6.34 -15.64 2.02
N PHE B 59 6.49 -14.55 1.28
CA PHE B 59 6.44 -14.63 -0.19
C PHE B 59 7.82 -14.33 -0.79
N SER B 60 8.56 -15.38 -1.12
CA SER B 60 9.92 -15.20 -1.70
C SER B 60 9.80 -15.06 -3.22
N THR B 61 8.63 -15.44 -3.76
CA THR B 61 8.49 -15.45 -5.22
C THR B 61 7.11 -15.02 -5.67
N THR B 62 7.05 -14.54 -6.89
CA THR B 62 5.76 -14.31 -7.51
C THR B 62 5.53 -15.37 -8.58
N PRO B 63 4.28 -15.83 -8.78
CA PRO B 63 3.01 -15.43 -8.16
C PRO B 63 2.94 -15.69 -6.67
N LEU B 64 2.24 -14.82 -5.94
CA LEU B 64 2.18 -14.96 -4.49
C LEU B 64 1.56 -16.29 -4.09
N PHE B 65 0.43 -16.61 -4.71
CA PHE B 65 -0.30 -17.86 -4.48
C PHE B 65 -0.32 -18.62 -5.79
N LEU B 66 0.56 -19.61 -5.92
CA LEU B 66 0.71 -20.40 -7.15
C LEU B 66 0.12 -21.78 -6.89
N PHE B 67 -1.06 -22.04 -7.44
CA PHE B 67 -1.74 -23.32 -7.24
C PHE B 67 -1.20 -24.30 -8.28
N GLU B 68 -0.22 -25.11 -7.88
CA GLU B 68 0.40 -26.07 -8.78
C GLU B 68 -0.23 -27.45 -8.74
N GLY B 69 -0.92 -27.78 -7.66
CA GLY B 69 -1.55 -29.08 -7.54
C GLY B 69 -2.80 -29.19 -8.37
N SER B 70 -3.28 -30.43 -8.50
CA SER B 70 -4.51 -30.72 -9.20
C SER B 70 -5.51 -31.40 -8.28
N ASN B 71 -6.77 -31.39 -8.71
CA ASN B 71 -7.87 -32.09 -8.02
C ASN B 71 -8.03 -31.63 -6.58
N SER B 72 -7.91 -30.33 -6.34
CA SER B 72 -8.01 -29.80 -4.99
C SER B 72 -9.16 -28.81 -4.88
N THR B 73 -9.57 -28.57 -3.64
N THR B 73 -9.60 -28.59 -3.65
CA THR B 73 -10.63 -27.61 -3.35
CA THR B 73 -10.63 -27.60 -3.36
C THR B 73 -10.16 -26.70 -2.22
C THR B 73 -10.15 -26.71 -2.22
N TYR B 74 -10.32 -25.40 -2.40
CA TYR B 74 -9.87 -24.41 -1.44
C TYR B 74 -11.08 -23.56 -1.07
N ASP B 75 -11.37 -23.52 0.22
CA ASP B 75 -12.52 -22.80 0.75
C ASP B 75 -12.04 -21.54 1.45
N PHE B 76 -12.44 -20.37 0.93
CA PHE B 76 -12.06 -19.10 1.52
C PHE B 76 -13.27 -18.34 2.08
N THR B 77 -14.30 -19.05 2.52
CA THR B 77 -15.48 -18.40 3.09
C THR B 77 -15.10 -17.49 4.26
N ASP B 78 -15.63 -16.27 4.24
CA ASP B 78 -15.38 -15.27 5.28
C ASP B 78 -13.90 -14.93 5.41
N VAL B 79 -13.12 -15.16 4.36
CA VAL B 79 -11.72 -14.77 4.35
C VAL B 79 -11.61 -13.45 3.63
N LYS B 80 -10.99 -12.48 4.29
CA LYS B 80 -10.66 -11.21 3.70
C LYS B 80 -9.16 -11.19 3.54
N LEU B 81 -8.69 -11.14 2.30
CA LEU B 81 -7.27 -11.14 2.01
C LEU B 81 -6.95 -9.76 1.47
N ASN B 82 -6.17 -9.00 2.24
CA ASN B 82 -5.79 -7.63 1.88
C ASN B 82 -4.35 -7.66 1.39
N ILE B 83 -4.13 -7.26 0.15
CA ILE B 83 -2.79 -7.25 -0.42
C ILE B 83 -2.40 -5.80 -0.65
N ASN B 84 -1.40 -5.33 0.10
CA ASN B 84 -0.94 -3.96 -0.10
C ASN B 84 -0.29 -3.81 -1.46
N THR B 85 -0.71 -2.78 -2.20
CA THR B 85 -0.18 -2.58 -3.56
C THR B 85 1.32 -2.34 -3.57
N VAL B 86 1.92 -1.99 -2.44
CA VAL B 86 3.38 -1.88 -2.37
C VAL B 86 4.02 -3.20 -2.79
N VAL B 87 3.31 -4.31 -2.60
CA VAL B 87 3.85 -5.62 -2.95
C VAL B 87 4.13 -5.73 -4.44
N LEU B 88 3.40 -4.97 -5.26
CA LEU B 88 3.62 -4.98 -6.70
C LEU B 88 4.95 -4.37 -7.11
N THR B 89 5.69 -3.77 -6.16
CA THR B 89 6.99 -3.17 -6.42
C THR B 89 8.13 -3.93 -5.76
N LYS B 90 7.85 -5.07 -5.14
CA LYS B 90 8.83 -5.78 -4.33
C LYS B 90 9.51 -6.93 -5.06
N PHE B 91 9.25 -7.12 -6.34
CA PHE B 91 9.83 -8.22 -7.10
C PHE B 91 10.63 -7.72 -8.30
N GLY B 92 11.18 -6.53 -8.20
CA GLY B 92 11.98 -6.02 -9.29
C GLY B 92 11.12 -5.59 -10.47
N ASN B 93 11.76 -5.56 -11.63
CA ASN B 93 11.09 -5.17 -12.87
C ASN B 93 10.44 -6.38 -13.52
N ASN B 94 9.50 -6.99 -12.80
CA ASN B 94 8.85 -8.20 -13.24
C ASN B 94 7.36 -8.08 -13.01
N GLU B 95 6.61 -8.85 -13.80
CA GLU B 95 5.18 -8.92 -13.61
C GLU B 95 4.88 -9.63 -12.29
N VAL B 96 3.90 -9.14 -11.56
CA VAL B 96 3.50 -9.70 -10.27
C VAL B 96 2.07 -10.20 -10.41
N ASN B 97 1.88 -11.50 -10.21
CA ASN B 97 0.56 -12.11 -10.24
C ASN B 97 0.20 -12.48 -8.81
N GLU B 98 -0.96 -12.05 -8.33
CA GLU B 98 -1.36 -12.41 -6.98
C GLU B 98 -1.74 -13.89 -6.88
N ILE B 99 -2.58 -14.36 -7.80
CA ILE B 99 -3.01 -15.76 -7.82
C ILE B 99 -2.79 -16.31 -9.22
N GLN B 100 -2.15 -17.47 -9.33
CA GLN B 100 -2.09 -18.16 -10.61
C GLN B 100 -2.41 -19.62 -10.39
N ILE B 101 -3.26 -20.18 -11.24
CA ILE B 101 -3.56 -21.61 -11.16
C ILE B 101 -2.87 -22.30 -12.33
N LEU B 102 -1.98 -23.24 -12.02
CA LEU B 102 -1.29 -24.04 -13.02
C LEU B 102 -1.82 -25.45 -13.11
N GLY B 103 -2.39 -25.98 -12.04
CA GLY B 103 -2.91 -27.34 -12.02
C GLY B 103 -4.28 -27.44 -12.68
N ASN B 104 -4.86 -28.63 -12.55
CA ASN B 104 -6.15 -28.95 -13.17
C ASN B 104 -7.17 -29.35 -12.12
N ASN B 105 -8.45 -29.20 -12.50
CA ASN B 105 -9.56 -29.73 -11.71
C ASN B 105 -9.59 -29.18 -10.29
N ASN B 106 -9.25 -27.93 -10.17
CA ASN B 106 -9.30 -27.24 -8.92
C ASN B 106 -10.52 -26.34 -8.79
N VAL B 107 -11.00 -26.22 -7.56
CA VAL B 107 -12.04 -25.29 -7.25
C VAL B 107 -11.64 -24.35 -6.10
N LEU B 108 -11.70 -23.05 -6.34
CA LEU B 108 -11.40 -22.04 -5.33
C LEU B 108 -12.69 -21.26 -5.08
N LYS B 109 -13.09 -21.11 -3.84
CA LYS B 109 -14.31 -20.40 -3.57
C LYS B 109 -14.37 -19.40 -2.46
N ASN B 110 -15.16 -18.38 -2.72
CA ASN B 110 -15.59 -17.39 -1.78
C ASN B 110 -14.61 -16.36 -1.23
N LEU B 111 -13.43 -16.26 -1.81
CA LEU B 111 -12.45 -15.30 -1.32
C LEU B 111 -12.81 -13.85 -1.58
N LYS B 112 -12.55 -12.98 -0.59
CA LYS B 112 -12.67 -11.56 -0.77
C LYS B 112 -11.23 -11.02 -0.75
N LEU B 113 -10.83 -10.56 -1.91
CA LEU B 113 -9.50 -10.09 -2.14
C LEU B 113 -9.53 -8.60 -2.50
N GLU B 114 -8.77 -7.82 -1.75
CA GLU B 114 -8.70 -6.39 -1.96
C GLU B 114 -7.30 -5.84 -2.04
N ASP B 115 -7.01 -5.18 -3.14
CA ASP B 115 -5.77 -4.44 -3.22
C ASP B 115 -5.89 -3.19 -2.35
N ILE B 116 -4.90 -2.97 -1.50
CA ILE B 116 -4.92 -1.85 -0.56
C ILE B 116 -4.02 -0.75 -1.09
N GLY B 117 -4.57 0.46 -1.20
CA GLY B 117 -3.81 1.57 -1.74
C GLY B 117 -3.82 1.57 -3.26
N THR B 118 -3.07 2.52 -3.82
CA THR B 118 -3.04 2.70 -5.27
C THR B 118 -1.63 2.73 -5.84
N THR B 119 -0.66 2.12 -5.16
CA THR B 119 0.71 2.08 -5.66
C THR B 119 0.75 1.32 -6.99
N ALA B 120 1.45 1.88 -7.96
CA ALA B 120 1.55 1.25 -9.27
C ALA B 120 2.59 0.12 -9.25
N PRO B 121 2.42 -0.89 -10.09
CA PRO B 121 3.44 -1.93 -10.19
C PRO B 121 4.74 -1.38 -10.78
N SER B 122 5.86 -2.04 -10.41
CA SER B 122 7.16 -1.71 -11.01
C SER B 122 7.16 -2.02 -12.51
N ASN B 123 6.40 -3.02 -12.92
CA ASN B 123 6.26 -3.38 -14.33
C ASN B 123 4.79 -3.49 -14.71
N ARG B 124 4.13 -4.53 -14.23
CA ARG B 124 2.70 -4.75 -14.47
C ARG B 124 2.24 -5.83 -13.51
N ALA B 125 0.92 -5.98 -13.39
CA ALA B 125 0.38 -6.94 -12.44
C ALA B 125 -0.91 -7.54 -12.99
N GLN B 126 -1.21 -8.74 -12.50
CA GLN B 126 -2.46 -9.42 -12.74
C GLN B 126 -2.99 -9.96 -11.43
N SER B 127 -4.29 -9.81 -11.17
CA SER B 127 -4.85 -10.34 -9.92
C SER B 127 -4.93 -11.85 -9.92
N ILE B 128 -5.55 -12.42 -10.95
CA ILE B 128 -5.75 -13.86 -11.04
C ILE B 128 -5.45 -14.30 -12.46
N VAL B 129 -4.70 -15.40 -12.59
CA VAL B 129 -4.43 -16.02 -13.89
C VAL B 129 -4.84 -17.49 -13.79
N ILE B 130 -5.71 -17.94 -14.70
CA ILE B 130 -6.20 -19.32 -14.67
C ILE B 130 -5.63 -20.06 -15.89
N ASP B 131 -4.59 -20.85 -15.66
CA ASP B 131 -4.05 -21.79 -16.65
C ASP B 131 -4.59 -23.19 -16.35
N GLY B 132 -3.95 -24.23 -16.90
CA GLY B 132 -4.40 -25.58 -16.63
C GLY B 132 -5.75 -25.86 -17.28
N ARG B 133 -6.43 -26.89 -16.79
CA ARG B 133 -7.74 -27.22 -17.35
C ARG B 133 -8.74 -27.55 -16.26
N ASP B 134 -10.01 -27.26 -16.56
CA ASP B 134 -11.17 -27.64 -15.74
C ASP B 134 -11.10 -27.04 -14.34
N ASN B 135 -10.57 -25.84 -14.24
CA ASN B 135 -10.54 -25.13 -12.97
C ASN B 135 -11.76 -24.23 -12.88
N ARG B 136 -12.18 -23.97 -11.65
CA ARG B 136 -13.28 -23.06 -11.42
C ARG B 136 -12.96 -22.15 -10.25
N ILE B 137 -13.24 -20.86 -10.43
CA ILE B 137 -13.19 -19.88 -9.36
C ILE B 137 -14.62 -19.35 -9.20
N GLU B 138 -15.17 -19.50 -8.00
CA GLU B 138 -16.57 -19.22 -7.76
C GLU B 138 -16.73 -18.35 -6.53
N GLY B 139 -17.62 -17.36 -6.61
CA GLY B 139 -18.00 -16.57 -5.46
C GLY B 139 -16.96 -15.61 -4.95
N PHE B 140 -15.94 -15.29 -5.77
CA PHE B 140 -14.92 -14.34 -5.34
C PHE B 140 -15.47 -12.93 -5.37
N HIS B 141 -14.96 -12.09 -4.46
CA HIS B 141 -15.19 -10.64 -4.52
C HIS B 141 -13.81 -10.01 -4.62
N LEU B 142 -13.54 -9.32 -5.74
CA LEU B 142 -12.19 -8.87 -6.04
C LEU B 142 -12.22 -7.37 -6.26
N THR B 143 -11.33 -6.63 -5.59
CA THR B 143 -11.16 -5.20 -5.84
C THR B 143 -9.73 -4.92 -6.29
N ILE B 144 -9.60 -4.35 -7.49
CA ILE B 144 -8.32 -4.15 -8.17
C ILE B 144 -7.90 -2.70 -8.04
N ARG B 145 -6.69 -2.47 -7.53
CA ARG B 145 -6.14 -1.11 -7.44
C ARG B 145 -4.64 -1.14 -7.74
N GLY B 146 -4.14 0.02 -8.16
CA GLY B 146 -2.70 0.25 -8.33
C GLY B 146 -2.22 0.06 -9.76
N SER B 147 -1.95 1.16 -10.47
CA SER B 147 -1.66 1.13 -11.90
C SER B 147 -1.18 2.51 -12.32
N TYR B 148 -0.60 2.60 -13.53
CA TYR B 148 -0.15 3.89 -14.08
C TYR B 148 -0.23 3.88 -15.60
N PRO B 149 -0.60 5.00 -16.24
CA PRO B 149 -1.26 6.16 -15.65
C PRO B 149 -2.68 5.74 -15.33
N TYR B 150 -3.26 6.32 -14.30
CA TYR B 150 -4.64 6.04 -13.96
C TYR B 150 -5.44 7.32 -14.14
N GLY B 151 -6.42 7.30 -15.05
CA GLY B 151 -7.17 8.52 -15.29
C GLY B 151 -7.34 8.85 -16.76
N TYR B 152 -6.69 8.11 -17.65
CA TYR B 152 -6.77 8.40 -19.09
C TYR B 152 -7.28 7.25 -19.94
N GLY B 153 -7.63 6.12 -19.34
CA GLY B 153 -7.90 4.96 -20.17
C GLY B 153 -6.70 4.65 -21.04
N ASP B 154 -6.96 4.25 -22.30
CA ASP B 154 -5.91 3.87 -23.24
C ASP B 154 -5.53 5.01 -24.18
N ALA B 155 -5.89 6.25 -23.84
CA ALA B 155 -5.66 7.35 -24.78
C ALA B 155 -4.17 7.51 -25.08
N PHE B 156 -3.30 7.22 -24.12
CA PHE B 156 -1.87 7.44 -24.32
C PHE B 156 -1.10 6.14 -24.43
N GLY B 157 -1.78 5.04 -24.70
CA GLY B 157 -1.09 3.79 -25.01
C GLY B 157 -1.49 2.66 -24.09
N LYS B 158 -1.86 1.53 -24.70
CA LYS B 158 -2.15 0.30 -23.96
C LYS B 158 -1.20 -0.83 -24.35
N GLY B 159 -0.28 -0.60 -25.28
CA GLY B 159 0.66 -1.62 -25.70
C GLY B 159 2.04 -1.04 -25.92
N GLY B 160 2.68 -1.41 -27.00
CA GLY B 160 3.96 -0.81 -27.33
C GLY B 160 3.82 0.56 -27.94
N GLY B 161 4.92 1.28 -28.00
CA GLY B 161 4.90 2.60 -28.62
C GLY B 161 3.99 3.59 -27.94
N SER B 162 3.93 3.54 -26.61
CA SER B 162 3.04 4.40 -25.83
C SER B 162 3.52 5.87 -25.81
N VAL B 163 2.55 6.77 -25.74
CA VAL B 163 2.81 8.18 -25.49
C VAL B 163 3.13 8.42 -24.02
N ILE B 164 2.45 7.73 -23.12
CA ILE B 164 2.75 7.71 -21.70
C ILE B 164 2.96 6.25 -21.32
N ASN B 165 4.17 5.92 -20.88
CA ASN B 165 4.48 4.53 -20.56
C ASN B 165 3.63 4.07 -19.38
N HIS B 166 3.17 2.83 -19.45
CA HIS B 166 2.18 2.37 -18.50
C HIS B 166 2.71 1.24 -17.63
N ARG B 167 2.03 1.08 -16.49
CA ARG B 167 2.23 0.00 -15.51
C ARG B 167 0.83 -0.53 -15.27
N LYS B 168 0.37 -1.41 -16.16
CA LYS B 168 -1.00 -1.85 -16.09
C LYS B 168 -1.22 -2.88 -14.99
N HIS B 169 -2.46 -2.96 -14.55
CA HIS B 169 -2.83 -3.94 -13.53
C HIS B 169 -4.23 -4.41 -13.89
N SER B 170 -4.33 -5.66 -14.33
N SER B 170 -4.33 -5.65 -14.35
CA SER B 170 -5.57 -6.23 -14.81
CA SER B 170 -5.60 -6.19 -14.80
C SER B 170 -6.12 -7.22 -13.79
C SER B 170 -6.14 -7.20 -13.78
N GLY B 171 -7.38 -7.61 -14.00
CA GLY B 171 -8.12 -8.40 -13.04
C GLY B 171 -7.96 -9.89 -13.22
N VAL B 172 -8.91 -10.54 -13.86
CA VAL B 172 -8.89 -11.99 -14.03
C VAL B 172 -8.54 -12.28 -15.48
N LEU B 173 -7.53 -13.13 -15.68
CA LEU B 173 -7.11 -13.56 -17.00
C LEU B 173 -7.39 -15.05 -17.10
N ILE B 174 -8.33 -15.43 -17.96
CA ILE B 174 -8.71 -16.82 -18.11
C ILE B 174 -7.96 -17.39 -19.31
N ARG B 175 -7.18 -18.44 -19.08
CA ARG B 175 -6.45 -19.14 -20.13
C ARG B 175 -6.79 -20.63 -20.08
N GLY B 176 -5.85 -21.48 -20.48
CA GLY B 176 -6.08 -22.91 -20.29
C GLY B 176 -7.25 -23.46 -21.09
N LEU B 177 -7.91 -24.48 -20.51
CA LEU B 177 -8.96 -25.24 -21.16
C LEU B 177 -10.14 -25.44 -20.20
N ARG B 178 -11.35 -25.09 -20.65
CA ARG B 178 -12.58 -25.29 -19.87
C ARG B 178 -12.49 -24.67 -18.48
N ASN B 179 -11.82 -23.51 -18.39
CA ASN B 179 -11.71 -22.79 -17.14
C ASN B 179 -12.93 -21.89 -16.96
N HIS B 180 -13.38 -21.74 -15.71
CA HIS B 180 -14.73 -21.27 -15.41
C HIS B 180 -14.65 -20.23 -14.30
N LEU B 181 -15.15 -19.03 -14.57
CA LEU B 181 -15.30 -17.97 -13.59
C LEU B 181 -16.79 -17.82 -13.31
N LYS B 182 -17.22 -18.06 -12.07
CA LYS B 182 -18.63 -18.20 -11.74
C LYS B 182 -19.05 -17.37 -10.53
N ASP B 183 -20.09 -16.57 -10.72
CA ASP B 183 -20.75 -15.83 -9.65
C ASP B 183 -19.75 -15.00 -8.85
N CYS B 184 -18.86 -14.30 -9.55
CA CYS B 184 -17.88 -13.43 -8.91
C CYS B 184 -18.25 -11.96 -9.11
N THR B 185 -17.76 -11.13 -8.19
CA THR B 185 -17.87 -9.69 -8.28
C THR B 185 -16.47 -9.14 -8.46
N ILE B 186 -16.24 -8.43 -9.57
CA ILE B 186 -14.92 -7.91 -9.90
C ILE B 186 -15.04 -6.40 -10.05
N ILE B 187 -14.46 -5.66 -9.11
CA ILE B 187 -14.47 -4.19 -9.12
C ILE B 187 -13.06 -3.73 -9.43
N SER B 188 -12.91 -2.99 -10.52
CA SER B 188 -11.61 -2.44 -10.87
C SER B 188 -11.59 -0.94 -10.69
N ARG B 189 -10.52 -0.46 -10.03
CA ARG B 189 -10.13 0.93 -10.02
C ARG B 189 -8.69 1.02 -10.51
N SER B 190 -8.41 0.26 -11.57
CA SER B 190 -7.06 0.09 -12.06
C SER B 190 -7.09 0.17 -13.58
N TYR B 191 -5.99 0.65 -14.16
CA TYR B 191 -5.88 0.71 -15.61
C TYR B 191 -5.44 -0.68 -16.07
N GLY B 192 -6.41 -1.45 -16.55
CA GLY B 192 -6.19 -2.80 -17.09
C GLY B 192 -7.52 -3.43 -17.43
N HIS B 193 -7.46 -4.61 -18.05
CA HIS B 193 -8.69 -5.35 -18.30
C HIS B 193 -9.28 -5.80 -16.97
N ILE B 194 -10.60 -5.98 -16.96
CA ILE B 194 -11.25 -6.44 -15.74
C ILE B 194 -11.31 -7.96 -15.79
N VAL B 195 -11.92 -8.51 -16.83
CA VAL B 195 -11.90 -9.93 -17.11
C VAL B 195 -11.45 -10.11 -18.56
N ALA B 196 -10.50 -11.00 -18.79
CA ALA B 196 -10.02 -11.20 -20.15
C ALA B 196 -9.77 -12.67 -20.39
N MET B 197 -9.67 -13.03 -21.66
CA MET B 197 -9.38 -14.39 -22.11
C MET B 197 -8.13 -14.35 -22.97
N GLN B 198 -7.21 -15.27 -22.71
CA GLN B 198 -5.95 -15.31 -23.45
C GLN B 198 -5.58 -16.76 -23.68
N ALA B 199 -5.52 -17.17 -24.96
CA ALA B 199 -5.17 -18.53 -25.33
C ALA B 199 -6.09 -19.54 -24.66
N ALA B 200 -7.31 -19.13 -24.35
CA ALA B 200 -8.23 -19.97 -23.61
C ALA B 200 -9.07 -20.80 -24.56
N SER B 201 -9.13 -22.11 -24.31
CA SER B 201 -10.05 -23.00 -25.00
C SER B 201 -11.27 -23.27 -24.13
N TYR B 202 -12.46 -23.04 -24.68
CA TYR B 202 -13.72 -23.21 -23.97
C TYR B 202 -13.79 -22.52 -22.60
N PRO B 203 -13.39 -21.25 -22.51
CA PRO B 203 -13.61 -20.52 -21.25
C PRO B 203 -15.08 -20.18 -21.07
N THR B 204 -15.51 -20.12 -19.81
CA THR B 204 -16.87 -19.72 -19.47
C THR B 204 -16.82 -18.67 -18.36
N VAL B 205 -17.54 -17.57 -18.59
CA VAL B 205 -17.76 -16.53 -17.58
C VAL B 205 -19.26 -16.52 -17.31
N GLU B 206 -19.64 -16.77 -16.07
CA GLU B 206 -21.05 -16.96 -15.75
C GLU B 206 -21.44 -16.24 -14.46
N GLY B 207 -22.50 -15.44 -14.55
CA GLY B 207 -23.11 -14.79 -13.38
C GLY B 207 -22.24 -13.78 -12.67
N CYS B 208 -21.31 -13.15 -13.38
CA CYS B 208 -20.38 -12.23 -12.73
C CYS B 208 -20.89 -10.80 -12.80
N TYR B 209 -20.49 -9.98 -11.82
CA TYR B 209 -20.72 -8.55 -11.86
C TYR B 209 -19.36 -7.89 -12.00
N ILE B 210 -19.19 -7.09 -13.06
CA ILE B 210 -17.88 -6.60 -13.51
C ILE B 210 -18.00 -5.08 -13.64
N GLU B 211 -17.16 -4.34 -12.90
CA GLU B 211 -17.42 -2.90 -12.80
C GLU B 211 -16.14 -2.08 -12.78
N GLY B 212 -16.08 -1.07 -13.64
CA GLY B 212 -15.02 -0.06 -13.58
C GLY B 212 -15.58 1.32 -13.22
N GLU B 213 -14.97 2.38 -13.73
CA GLU B 213 -15.47 3.74 -13.51
C GLU B 213 -15.09 4.60 -14.72
N MET B 214 -15.75 5.75 -14.86
CA MET B 214 -15.66 6.55 -16.08
C MET B 214 -15.08 7.94 -15.82
N ARG B 215 -14.59 8.56 -16.90
CA ARG B 215 -14.11 9.93 -16.88
C ARG B 215 -14.31 10.57 -18.25
N SER B 216 -14.81 11.80 -18.29
CA SER B 216 -14.99 12.43 -19.60
C SER B 216 -13.67 12.89 -20.19
N THR B 217 -13.59 12.88 -21.52
CA THR B 217 -12.42 13.46 -22.15
C THR B 217 -12.34 14.96 -21.88
N ASP B 218 -13.49 15.61 -21.71
CA ASP B 218 -13.48 17.02 -21.36
C ASP B 218 -12.79 17.24 -20.02
N ASP B 219 -13.04 16.35 -19.04
CA ASP B 219 -12.35 16.46 -17.76
C ASP B 219 -10.85 16.23 -17.91
N MET B 220 -10.45 15.28 -18.76
CA MET B 220 -9.02 15.12 -19.02
C MET B 220 -8.44 16.37 -19.67
N LEU B 221 -9.16 16.94 -20.64
CA LEU B 221 -8.66 18.12 -21.33
C LEU B 221 -8.56 19.31 -20.39
N ALA B 222 -9.38 19.34 -19.32
CA ALA B 222 -9.29 20.42 -18.33
C ALA B 222 -7.99 20.39 -17.54
N GLU B 223 -7.14 19.37 -17.73
CA GLU B 223 -5.78 19.37 -17.19
C GLU B 223 -4.81 20.30 -17.94
N GLU B 224 -5.24 21.01 -18.97
CA GLU B 224 -4.40 22.01 -19.63
C GLU B 224 -3.74 22.90 -18.61
N GLY B 225 -2.41 23.00 -18.69
CA GLY B 225 -1.65 23.95 -17.89
C GLY B 225 -1.33 23.47 -16.49
N THR B 226 -1.73 22.25 -16.11
CA THR B 226 -1.47 21.74 -14.77
C THR B 226 -0.11 21.08 -14.64
N GLY B 227 0.55 20.74 -15.74
CA GLY B 227 1.73 19.91 -15.68
C GLY B 227 1.47 18.44 -15.55
N SER B 228 0.23 17.99 -15.78
CA SER B 228 -0.11 16.58 -15.75
C SER B 228 0.61 15.80 -16.84
N PRO B 229 0.69 14.48 -16.72
CA PRO B 229 1.31 13.69 -17.79
C PRO B 229 0.66 13.91 -19.14
N ALA B 230 -0.66 14.02 -19.19
CA ALA B 230 -1.32 14.35 -20.46
C ALA B 230 -1.03 15.78 -20.92
N ASP B 231 -0.97 16.72 -19.98
CA ASP B 231 -0.66 18.11 -20.33
C ASP B 231 0.73 18.20 -20.98
N LYS B 232 1.69 17.44 -20.47
CA LYS B 232 3.06 17.49 -20.98
C LYS B 232 3.17 16.99 -22.41
N VAL B 233 2.34 16.03 -22.83
CA VAL B 233 2.34 15.59 -24.22
C VAL B 233 1.29 16.32 -25.07
N ASP B 234 0.74 17.43 -24.57
CA ASP B 234 -0.26 18.23 -25.29
C ASP B 234 -1.47 17.40 -25.71
N PHE B 235 -1.81 16.39 -24.91
CA PHE B 235 -2.99 15.55 -25.11
C PHE B 235 -2.99 14.81 -26.44
N MET B 236 -1.80 14.59 -27.00
CA MET B 236 -1.63 13.84 -28.25
C MET B 236 -1.79 12.36 -27.95
N THR B 237 -2.84 11.74 -28.51
CA THR B 237 -3.10 10.33 -28.23
C THR B 237 -2.27 9.42 -29.14
N VAL B 238 -2.29 8.12 -28.81
CA VAL B 238 -1.66 7.14 -29.69
C VAL B 238 -2.45 6.93 -30.97
N TRP B 239 -3.67 7.48 -31.07
CA TRP B 239 -4.44 7.33 -32.30
C TRP B 239 -4.01 8.30 -33.39
N GLY B 240 -3.10 9.22 -33.08
CA GLY B 240 -2.57 10.15 -34.05
C GLY B 240 -3.20 11.51 -34.06
N TYR B 241 -3.98 11.86 -33.04
CA TYR B 241 -4.63 13.16 -32.96
C TYR B 241 -4.82 13.56 -31.51
N LYS B 242 -5.01 14.86 -31.30
CA LYS B 242 -5.29 15.36 -29.97
C LYS B 242 -6.59 14.77 -29.42
N LEU B 243 -6.58 14.48 -28.13
CA LEU B 243 -7.72 13.88 -27.45
C LEU B 243 -8.97 14.72 -27.71
N PRO B 244 -10.00 14.15 -28.34
CA PRO B 244 -11.18 14.97 -28.66
C PRO B 244 -12.11 15.12 -27.47
N ALA B 245 -12.74 16.29 -27.39
CA ALA B 245 -13.74 16.50 -26.36
C ALA B 245 -15.03 15.74 -26.70
N GLY B 246 -15.87 15.57 -25.69
CA GLY B 246 -17.21 15.04 -25.89
C GLY B 246 -17.36 13.54 -25.82
N TYR B 247 -16.39 12.82 -25.29
CA TYR B 247 -16.50 11.38 -25.08
C TYR B 247 -16.40 11.05 -23.61
N MET B 248 -17.02 9.94 -23.23
CA MET B 248 -16.92 9.37 -21.89
C MET B 248 -16.11 8.08 -22.00
N MET B 249 -14.98 8.04 -21.29
CA MET B 249 -14.08 6.89 -21.36
C MET B 249 -14.11 6.12 -20.06
N SER B 250 -13.84 4.83 -20.15
CA SER B 250 -13.55 4.05 -18.95
C SER B 250 -12.10 4.24 -18.56
N LEU B 251 -11.85 4.19 -17.26
CA LEU B 251 -10.48 4.17 -16.79
C LEU B 251 -9.89 2.76 -16.82
N GLN B 252 -10.73 1.76 -17.09
CA GLN B 252 -10.34 0.38 -17.27
C GLN B 252 -10.22 0.08 -18.75
N GLU B 253 -9.78 -1.12 -19.06
CA GLU B 253 -9.86 -1.66 -20.42
C GLU B 253 -11.10 -2.52 -20.54
N GLY B 254 -11.06 -3.71 -21.15
CA GLY B 254 -12.26 -4.46 -21.42
C GLY B 254 -12.93 -5.00 -20.18
N GLY B 255 -14.25 -5.08 -20.24
CA GLY B 255 -15.00 -5.74 -19.19
C GLY B 255 -14.84 -7.24 -19.30
N ILE B 256 -15.23 -7.80 -20.45
CA ILE B 256 -14.90 -9.17 -20.84
C ILE B 256 -14.33 -9.08 -22.24
N ARG B 257 -13.07 -9.42 -22.39
CA ARG B 257 -12.35 -9.19 -23.64
C ARG B 257 -11.46 -10.38 -23.98
N ALA B 258 -11.49 -10.81 -25.24
CA ALA B 258 -10.60 -11.87 -25.68
C ALA B 258 -9.37 -11.24 -26.33
N TYR B 259 -8.19 -11.68 -25.89
CA TYR B 259 -6.92 -11.28 -26.48
C TYR B 259 -6.78 -11.85 -27.89
N ASN B 260 -5.96 -11.21 -28.71
CA ASN B 260 -5.70 -11.74 -30.04
C ASN B 260 -4.89 -13.03 -29.97
N ALA B 261 -3.84 -13.05 -29.16
CA ALA B 261 -2.94 -14.19 -29.11
C ALA B 261 -2.74 -14.60 -27.66
N GLY B 262 -1.52 -15.03 -27.34
CA GLY B 262 -1.15 -15.31 -25.97
C GLY B 262 -0.64 -16.72 -25.81
N THR B 263 -0.19 -16.99 -24.59
CA THR B 263 0.40 -18.26 -24.23
C THR B 263 -0.33 -18.80 -23.00
N THR B 264 -0.49 -20.12 -22.95
CA THR B 264 -1.02 -20.76 -21.75
C THR B 264 -0.20 -22.01 -21.49
N TYR B 265 -0.44 -22.62 -20.34
CA TYR B 265 0.27 -23.82 -19.90
C TYR B 265 -0.73 -24.83 -19.39
N ILE B 266 -0.67 -26.05 -19.92
CA ILE B 266 -1.51 -27.14 -19.48
C ILE B 266 -0.66 -28.41 -19.44
N ASP B 267 -0.59 -29.04 -18.27
CA ASP B 267 0.12 -30.32 -18.11
C ASP B 267 1.57 -30.24 -18.59
N GLY B 268 2.24 -29.15 -18.25
CA GLY B 268 3.63 -29.06 -18.62
C GLY B 268 3.87 -28.71 -20.08
N VAL B 269 2.82 -28.40 -20.83
CA VAL B 269 2.92 -28.00 -22.22
C VAL B 269 2.71 -26.49 -22.33
N GLU B 270 3.65 -25.80 -22.97
CA GLU B 270 3.49 -24.39 -23.28
C GLU B 270 2.75 -24.29 -24.61
N ILE B 271 1.65 -23.52 -24.62
CA ILE B 271 0.75 -23.47 -25.77
C ILE B 271 0.56 -22.03 -26.20
N GLN B 272 0.83 -21.74 -27.47
CA GLN B 272 0.57 -20.42 -28.05
C GLN B 272 -0.62 -20.54 -28.99
N ARG B 273 -1.70 -19.82 -28.71
CA ARG B 273 -2.88 -19.92 -29.55
C ARG B 273 -3.83 -18.75 -29.31
N ALA B 274 -4.80 -18.64 -30.19
CA ALA B 274 -5.93 -17.75 -29.97
C ALA B 274 -6.90 -18.37 -28.97
N THR B 275 -7.80 -17.56 -28.46
CA THR B 275 -8.92 -18.06 -27.68
C THR B 275 -9.95 -18.69 -28.61
N ASP B 276 -10.56 -19.79 -28.18
CA ASP B 276 -11.59 -20.42 -28.99
C ASP B 276 -12.78 -20.81 -28.11
N ASN B 277 -13.97 -20.81 -28.73
CA ASN B 277 -15.19 -21.28 -28.11
C ASN B 277 -15.53 -20.64 -26.77
N PRO B 278 -15.55 -19.31 -26.68
CA PRO B 278 -15.91 -18.66 -25.42
C PRO B 278 -17.41 -18.65 -25.19
N THR B 279 -17.79 -18.73 -23.91
CA THR B 279 -19.18 -18.64 -23.49
C THR B 279 -19.31 -17.61 -22.37
N VAL B 280 -20.27 -16.69 -22.51
CA VAL B 280 -20.54 -15.69 -21.48
C VAL B 280 -22.03 -15.72 -21.15
N LEU B 281 -22.36 -15.94 -19.88
CA LEU B 281 -23.73 -16.16 -19.46
C LEU B 281 -24.10 -15.30 -18.26
N ASN B 282 -25.17 -14.50 -18.41
N ASN B 282 -25.17 -14.51 -18.40
CA ASN B 282 -25.82 -13.82 -17.28
CA ASN B 282 -25.81 -13.85 -17.25
C ASN B 282 -24.83 -12.95 -16.51
C ASN B 282 -24.83 -12.96 -16.49
N CYS B 283 -24.04 -12.18 -17.23
CA CYS B 283 -23.09 -11.26 -16.61
C CYS B 283 -23.61 -9.84 -16.70
N THR B 284 -23.21 -9.02 -15.72
CA THR B 284 -23.51 -7.59 -15.72
C THR B 284 -22.17 -6.87 -15.75
N ILE B 285 -21.99 -6.00 -16.75
CA ILE B 285 -20.74 -5.28 -16.95
C ILE B 285 -21.08 -3.80 -16.97
N LYS B 286 -20.42 -3.01 -16.11
CA LYS B 286 -20.74 -1.61 -15.93
C LYS B 286 -19.47 -0.78 -16.01
N ASN B 287 -19.51 0.28 -16.83
CA ASN B 287 -18.47 1.29 -16.86
C ASN B 287 -17.08 0.72 -17.19
N ALA B 288 -17.00 -0.12 -18.22
CA ALA B 288 -15.76 -0.61 -18.80
C ALA B 288 -15.64 -0.11 -20.24
N ARG B 289 -14.47 -0.36 -20.85
CA ARG B 289 -14.26 0.05 -22.25
C ARG B 289 -15.16 -0.72 -23.19
N THR B 290 -15.47 -1.98 -22.87
CA THR B 290 -16.42 -2.75 -23.63
C THR B 290 -17.17 -3.65 -22.68
N GLY B 291 -18.38 -4.03 -23.07
CA GLY B 291 -19.14 -4.98 -22.29
C GLY B 291 -18.59 -6.37 -22.52
N VAL B 292 -18.76 -6.89 -23.74
CA VAL B 292 -18.29 -8.23 -24.14
C VAL B 292 -17.71 -8.05 -25.54
N THR B 293 -16.40 -8.19 -25.67
CA THR B 293 -15.76 -8.18 -26.98
C THR B 293 -15.03 -9.49 -27.16
N LEU B 294 -15.41 -10.25 -28.19
CA LEU B 294 -14.80 -11.55 -28.45
C LEU B 294 -14.41 -11.72 -29.90
N ALA B 295 -14.32 -10.62 -30.65
CA ALA B 295 -14.07 -10.70 -32.09
C ALA B 295 -12.78 -11.45 -32.41
N HIS B 296 -11.77 -11.37 -31.52
CA HIS B 296 -10.51 -12.04 -31.74
C HIS B 296 -10.56 -13.55 -31.47
N ALA B 297 -11.60 -14.05 -30.81
CA ALA B 297 -11.70 -15.46 -30.53
C ALA B 297 -12.21 -16.23 -31.75
N ASN B 298 -11.91 -17.52 -31.77
CA ASN B 298 -12.37 -18.39 -32.82
C ASN B 298 -13.41 -19.36 -32.25
N GLY B 299 -13.85 -20.31 -33.10
CA GLY B 299 -14.81 -21.29 -32.64
C GLY B 299 -16.20 -20.71 -32.43
N THR B 300 -16.96 -21.38 -31.56
CA THR B 300 -18.34 -21.00 -31.29
C THR B 300 -18.37 -19.94 -30.19
N LYS B 301 -18.91 -18.78 -30.50
CA LYS B 301 -19.06 -17.68 -29.55
C LYS B 301 -20.52 -17.55 -29.17
N TYR B 302 -20.81 -17.59 -27.87
CA TYR B 302 -22.18 -17.58 -27.38
C TYR B 302 -22.29 -16.68 -26.16
N VAL B 303 -23.16 -15.67 -26.24
CA VAL B 303 -23.35 -14.69 -25.19
C VAL B 303 -24.85 -14.60 -24.90
N GLU B 304 -25.26 -14.82 -23.65
CA GLU B 304 -26.68 -14.86 -23.33
C GLU B 304 -26.96 -14.22 -21.98
N GLY B 305 -28.07 -13.49 -21.89
CA GLY B 305 -28.60 -13.00 -20.64
C GLY B 305 -27.78 -11.95 -19.93
N CYS B 306 -27.00 -11.16 -20.68
CA CYS B 306 -26.08 -10.19 -20.10
C CYS B 306 -26.68 -8.80 -20.13
N THR B 307 -26.08 -7.95 -19.30
CA THR B 307 -26.53 -6.57 -19.12
C THR B 307 -25.27 -5.71 -19.11
N VAL B 308 -25.19 -4.77 -20.05
CA VAL B 308 -24.04 -3.89 -20.18
C VAL B 308 -24.51 -2.46 -19.94
N LEU B 309 -23.92 -1.80 -18.94
CA LEU B 309 -24.38 -0.47 -18.53
C LEU B 309 -23.25 0.52 -18.57
N GLY B 310 -23.46 1.63 -19.28
CA GLY B 310 -22.49 2.70 -19.26
C GLY B 310 -21.10 2.29 -19.69
N CYS B 311 -21.00 1.43 -20.71
CA CYS B 311 -19.72 1.07 -21.28
C CYS B 311 -19.51 1.86 -22.58
N GLU B 312 -18.26 1.97 -23.01
CA GLU B 312 -17.99 2.65 -24.28
C GLU B 312 -18.47 1.85 -25.47
N ASN B 313 -18.66 0.55 -25.29
CA ASN B 313 -19.12 -0.35 -26.34
C ASN B 313 -19.90 -1.48 -25.67
N GLY B 314 -20.98 -1.91 -26.32
CA GLY B 314 -21.79 -2.97 -25.78
C GLY B 314 -21.27 -4.36 -26.12
N TYR B 315 -21.66 -4.86 -27.28
CA TYR B 315 -21.32 -6.21 -27.71
C TYR B 315 -20.57 -6.16 -29.03
N SER B 316 -19.41 -6.84 -29.08
CA SER B 316 -18.62 -6.93 -30.32
C SER B 316 -17.97 -8.31 -30.36
N ILE B 317 -18.73 -9.32 -30.80
CA ILE B 317 -18.19 -10.67 -30.81
C ILE B 317 -17.75 -11.13 -32.20
N GLY B 318 -17.85 -10.28 -33.22
CA GLY B 318 -17.42 -10.62 -34.55
C GLY B 318 -18.36 -11.57 -35.29
N SER B 319 -18.60 -12.73 -34.70
N SER B 319 -18.61 -12.73 -34.69
CA SER B 319 -19.45 -13.75 -35.28
CA SER B 319 -19.45 -13.75 -35.29
C SER B 319 -19.96 -14.61 -34.14
C SER B 319 -19.92 -14.69 -34.19
N GLY B 320 -21.15 -15.18 -34.32
CA GLY B 320 -21.72 -16.04 -33.30
C GLY B 320 -23.08 -15.55 -32.85
N THR B 321 -23.42 -15.76 -31.59
CA THR B 321 -24.76 -15.49 -31.08
C THR B 321 -24.70 -14.59 -29.85
N VAL B 322 -25.47 -13.49 -29.91
CA VAL B 322 -25.80 -12.68 -28.74
C VAL B 322 -27.31 -12.75 -28.61
N VAL B 323 -27.82 -13.27 -27.51
CA VAL B 323 -29.25 -13.49 -27.37
C VAL B 323 -29.70 -13.13 -25.97
N ASN B 324 -30.88 -12.51 -25.88
CA ASN B 324 -31.44 -12.08 -24.60
C ASN B 324 -30.45 -11.21 -23.82
N CYS B 325 -29.78 -10.29 -24.52
CA CYS B 325 -28.85 -9.36 -23.89
C CYS B 325 -29.33 -7.93 -24.07
N GLY B 326 -28.83 -7.06 -23.20
CA GLY B 326 -29.24 -5.68 -23.17
C GLY B 326 -28.05 -4.78 -22.92
N ALA B 327 -28.18 -3.54 -23.39
CA ALA B 327 -27.14 -2.55 -23.11
C ALA B 327 -27.77 -1.18 -23.22
N ASP B 328 -27.30 -0.25 -22.39
CA ASP B 328 -27.74 1.12 -22.66
C ASP B 328 -26.75 1.78 -23.59
N ALA B 329 -27.10 2.97 -24.07
CA ALA B 329 -26.32 3.64 -25.10
C ALA B 329 -25.83 5.01 -24.65
N ILE B 330 -25.61 5.21 -23.36
CA ILE B 330 -25.31 6.56 -22.88
C ILE B 330 -23.88 6.98 -23.24
N TYR B 331 -22.94 6.05 -23.34
CA TYR B 331 -21.55 6.42 -23.62
C TYR B 331 -20.99 5.86 -24.93
N GLY B 332 -21.71 4.97 -25.60
CA GLY B 332 -21.25 4.41 -26.85
C GLY B 332 -22.29 3.45 -27.37
N PRO B 333 -22.07 2.93 -28.57
CA PRO B 333 -23.05 2.04 -29.19
C PRO B 333 -23.21 0.72 -28.47
N VAL B 334 -24.41 0.15 -28.60
CA VAL B 334 -24.69 -1.16 -27.97
C VAL B 334 -24.12 -2.31 -28.79
N PHE B 335 -23.75 -2.05 -30.05
CA PHE B 335 -23.36 -3.10 -30.96
C PHE B 335 -22.37 -2.50 -31.95
N LYS B 336 -21.25 -3.18 -32.18
CA LYS B 336 -20.34 -2.79 -33.25
C LYS B 336 -19.76 -4.03 -33.92
N ASN B 337 -19.91 -4.10 -35.24
CA ASN B 337 -19.13 -5.04 -36.03
C ASN B 337 -17.68 -4.55 -36.05
N THR B 338 -16.74 -5.46 -35.78
CA THR B 338 -15.34 -5.07 -35.62
C THR B 338 -14.67 -4.78 -36.95
N TYR B 339 -14.82 -5.66 -37.93
CA TYR B 339 -14.18 -5.55 -39.24
C TYR B 339 -15.19 -5.80 -40.35
N GLY B 340 -14.81 -5.40 -41.56
CA GLY B 340 -15.60 -5.78 -42.73
C GLY B 340 -15.58 -7.26 -42.99
N SER B 341 -14.71 -7.99 -42.31
CA SER B 341 -14.62 -9.45 -42.36
C SER B 341 -15.60 -10.15 -41.43
N ASP B 342 -16.33 -9.42 -40.60
CA ASP B 342 -17.35 -10.02 -39.76
C ASP B 342 -18.38 -10.73 -40.64
N LYS B 343 -18.76 -11.92 -40.23
CA LYS B 343 -19.70 -12.74 -40.98
C LYS B 343 -20.48 -13.60 -39.99
N GLY B 344 -21.78 -13.67 -40.16
CA GLY B 344 -22.59 -14.50 -39.27
C GLY B 344 -22.71 -14.04 -37.84
N TYR B 345 -22.86 -12.73 -37.63
CA TYR B 345 -23.15 -12.18 -36.31
C TYR B 345 -24.67 -12.15 -36.15
N ASN B 346 -25.19 -12.98 -35.24
CA ASN B 346 -26.61 -13.02 -34.94
C ASN B 346 -26.80 -12.43 -33.56
N ALA B 347 -27.57 -11.34 -33.47
CA ALA B 347 -27.73 -10.62 -32.21
C ALA B 347 -29.18 -10.24 -32.01
N ASP B 348 -29.63 -10.36 -30.76
CA ASP B 348 -30.93 -9.88 -30.32
C ASP B 348 -30.61 -9.05 -29.08
N ILE B 349 -30.58 -7.72 -29.23
CA ILE B 349 -30.09 -6.84 -28.17
C ILE B 349 -31.18 -5.85 -27.81
N THR B 350 -31.43 -5.69 -26.52
CA THR B 350 -32.35 -4.68 -26.02
C THR B 350 -31.56 -3.43 -25.66
N ILE B 351 -32.00 -2.28 -26.18
CA ILE B 351 -31.37 -1.02 -25.85
C ILE B 351 -32.05 -0.55 -24.57
N LEU B 352 -31.33 -0.65 -23.46
CA LEU B 352 -31.86 -0.45 -22.13
C LEU B 352 -32.10 1.02 -21.83
N PRO B 353 -32.95 1.32 -20.85
CA PRO B 353 -33.05 2.70 -20.38
C PRO B 353 -31.75 3.21 -19.87
N PRO B 354 -31.49 4.52 -19.98
CA PRO B 354 -30.19 5.08 -19.62
C PRO B 354 -29.89 4.94 -18.14
N SER B 355 -28.70 4.41 -17.82
CA SER B 355 -28.24 4.28 -16.45
C SER B 355 -27.71 5.59 -15.88
N ASP B 356 -27.57 6.61 -16.72
CA ASP B 356 -27.17 7.95 -16.31
C ASP B 356 -27.46 8.86 -17.49
N ALA B 357 -27.05 10.13 -17.39
CA ALA B 357 -27.27 11.06 -18.49
C ALA B 357 -26.45 10.66 -19.71
N TYR B 358 -27.02 10.92 -20.89
CA TYR B 358 -26.33 10.60 -22.13
C TYR B 358 -25.08 11.46 -22.31
N TYR B 359 -24.03 10.83 -22.79
CA TYR B 359 -22.80 11.53 -23.14
C TYR B 359 -22.05 10.64 -24.12
N ASN B 360 -22.64 10.46 -25.30
CA ASN B 360 -22.22 9.48 -26.30
C ASN B 360 -21.63 10.27 -27.47
N GLY B 361 -20.30 10.38 -27.50
CA GLY B 361 -19.65 11.11 -28.58
C GLY B 361 -19.52 10.33 -29.88
N HIS B 362 -19.88 9.06 -29.87
CA HIS B 362 -19.74 8.21 -31.05
C HIS B 362 -20.84 8.47 -32.07
N ASP B 363 -21.91 9.17 -31.70
CA ASP B 363 -23.00 9.54 -32.60
C ASP B 363 -23.66 8.30 -33.23
N ALA B 364 -23.74 7.21 -32.48
CA ALA B 364 -24.33 5.98 -32.99
C ALA B 364 -24.75 5.09 -31.82
N VAL B 365 -25.87 4.38 -32.02
CA VAL B 365 -26.23 3.31 -31.10
C VAL B 365 -25.78 1.95 -31.62
N ALA B 366 -25.46 1.84 -32.90
CA ALA B 366 -24.96 0.61 -33.50
C ALA B 366 -24.21 0.97 -34.76
N TYR B 367 -23.14 0.21 -35.05
CA TYR B 367 -22.42 0.32 -36.30
C TYR B 367 -22.34 -1.06 -36.91
N ILE B 368 -22.90 -1.23 -38.10
CA ILE B 368 -23.11 -2.54 -38.69
C ILE B 368 -22.36 -2.65 -40.02
N GLY B 369 -21.63 -3.75 -40.20
CA GLY B 369 -20.96 -4.00 -41.47
C GLY B 369 -20.56 -5.46 -41.50
N GLY B 370 -19.95 -5.86 -42.59
CA GLY B 370 -19.64 -7.29 -42.75
C GLY B 370 -20.72 -7.95 -43.58
N SER B 371 -20.95 -9.26 -43.40
CA SER B 371 -21.90 -9.96 -44.26
C SER B 371 -22.69 -11.00 -43.49
N ASN B 372 -23.91 -11.24 -43.96
CA ASN B 372 -24.75 -12.34 -43.49
C ASN B 372 -24.97 -12.29 -41.99
N HIS B 373 -25.39 -11.14 -41.49
CA HIS B 373 -25.79 -10.99 -40.10
C HIS B 373 -27.31 -11.02 -39.98
N ASN B 374 -27.78 -11.40 -38.79
CA ASN B 374 -29.19 -11.32 -38.47
C ASN B 374 -29.31 -10.57 -37.15
N LEU B 375 -29.76 -9.32 -37.22
CA LEU B 375 -29.68 -8.40 -36.09
C LEU B 375 -31.07 -7.91 -35.71
N THR B 376 -31.40 -8.03 -34.44
CA THR B 376 -32.65 -7.52 -33.90
C THR B 376 -32.30 -6.59 -32.76
N PHE B 377 -32.90 -5.40 -32.77
CA PHE B 377 -32.79 -4.44 -31.69
C PHE B 377 -34.19 -4.15 -31.17
N ARG B 378 -34.33 -4.17 -29.84
CA ARG B 378 -35.60 -3.94 -29.15
C ARG B 378 -35.41 -2.81 -28.16
N SER B 379 -36.43 -1.96 -28.00
CA SER B 379 -36.28 -0.97 -26.94
C SER B 379 -37.63 -0.35 -26.63
N GLU B 380 -37.75 0.19 -25.42
CA GLU B 380 -38.92 0.96 -25.04
C GLU B 380 -38.64 2.44 -25.00
N ILE B 381 -37.41 2.85 -25.33
CA ILE B 381 -37.04 4.26 -25.27
C ILE B 381 -37.89 5.06 -26.24
N THR B 382 -38.45 6.16 -25.75
CA THR B 382 -39.15 7.10 -26.63
C THR B 382 -38.41 8.41 -26.81
N GLU B 383 -37.54 8.78 -25.87
CA GLU B 383 -36.74 10.00 -26.00
C GLU B 383 -35.41 9.61 -26.62
N ILE B 384 -35.27 9.84 -27.91
CA ILE B 384 -34.09 9.43 -28.66
C ILE B 384 -33.19 10.66 -28.82
N PRO B 385 -31.95 10.61 -28.31
CA PRO B 385 -31.02 11.73 -28.54
C PRO B 385 -30.81 11.98 -30.02
N SER B 386 -30.73 13.26 -30.38
CA SER B 386 -30.74 13.61 -31.79
C SER B 386 -29.51 13.11 -32.53
N ASN B 387 -28.42 12.80 -31.83
CA ASN B 387 -27.21 12.31 -32.48
C ASN B 387 -27.16 10.80 -32.63
N LEU B 388 -28.13 10.06 -32.08
CA LEU B 388 -28.05 8.62 -32.01
C LEU B 388 -28.87 7.95 -33.12
N LYS B 389 -28.25 6.99 -33.79
CA LYS B 389 -28.84 6.34 -34.95
C LYS B 389 -28.19 4.98 -35.11
N ILE B 390 -28.91 4.08 -35.79
CA ILE B 390 -28.36 2.82 -36.23
C ILE B 390 -27.69 3.05 -37.58
N MET B 391 -26.38 2.78 -37.64
CA MET B 391 -25.60 2.97 -38.86
C MET B 391 -25.31 1.63 -39.51
N VAL B 392 -25.66 1.48 -40.78
CA VAL B 392 -25.17 0.38 -41.60
C VAL B 392 -24.15 0.99 -42.55
N SER B 393 -22.87 0.67 -42.33
CA SER B 393 -21.73 1.24 -43.06
C SER B 393 -21.60 2.72 -42.71
N GLY B 394 -20.65 3.39 -43.34
CA GLY B 394 -20.46 4.81 -43.10
C GLY B 394 -19.25 5.08 -42.24
N ASP B 395 -19.12 6.35 -41.84
CA ASP B 395 -17.93 6.86 -41.15
C ASP B 395 -18.28 7.06 -39.67
N LEU B 396 -18.06 6.02 -38.87
CA LEU B 396 -18.36 6.08 -37.45
C LEU B 396 -17.47 7.10 -36.76
N GLN B 397 -18.08 7.95 -35.93
CA GLN B 397 -17.31 8.95 -35.19
C GLN B 397 -16.81 8.40 -33.87
N GLY B 398 -16.24 7.19 -33.95
CA GLY B 398 -15.77 6.54 -32.74
C GLY B 398 -14.46 7.15 -32.27
N LEU B 399 -14.31 7.21 -30.95
CA LEU B 399 -13.19 7.91 -30.33
C LEU B 399 -11.85 7.45 -30.91
N ARG B 400 -11.71 6.14 -31.17
CA ARG B 400 -10.45 5.54 -31.56
C ARG B 400 -10.35 5.27 -33.06
N VAL B 401 -11.35 5.70 -33.84
CA VAL B 401 -11.32 5.44 -35.28
C VAL B 401 -11.56 6.72 -36.06
N LEU B 402 -11.13 7.86 -35.51
CA LEU B 402 -11.22 9.10 -36.27
C LEU B 402 -10.00 9.27 -37.16
N HIS B 403 -10.17 10.03 -38.24
CA HIS B 403 -9.05 10.49 -39.09
C HIS B 403 -8.19 9.35 -39.58
N GLY B 404 -8.80 8.20 -39.86
CA GLY B 404 -8.08 7.04 -40.36
C GLY B 404 -7.44 6.16 -39.31
N SER B 405 -7.57 6.49 -38.04
CA SER B 405 -7.07 5.62 -36.98
C SER B 405 -7.79 4.27 -37.02
N ASN B 406 -7.04 3.20 -36.84
CA ASN B 406 -7.59 1.84 -36.80
C ASN B 406 -8.48 1.59 -38.01
N PRO B 407 -7.96 1.72 -39.22
CA PRO B 407 -8.83 1.87 -40.40
C PRO B 407 -9.68 0.65 -40.71
N SER B 408 -9.24 -0.55 -40.35
N SER B 408 -9.22 -0.55 -40.36
CA SER B 408 -10.03 -1.73 -40.64
CA SER B 408 -10.02 -1.74 -40.64
C SER B 408 -11.28 -1.81 -39.78
C SER B 408 -11.26 -1.84 -39.76
N GLN B 409 -11.35 -1.00 -38.73
CA GLN B 409 -12.46 -1.01 -37.80
C GLN B 409 -13.47 0.07 -38.12
N ASN B 410 -13.40 0.68 -39.30
CA ASN B 410 -14.33 1.75 -39.67
C ASN B 410 -14.46 1.78 -41.19
N ASN B 411 -15.50 2.47 -41.66
CA ASN B 411 -15.70 2.74 -43.09
C ASN B 411 -15.68 1.48 -43.94
N PHE B 412 -16.42 0.47 -43.53
CA PHE B 412 -16.45 -0.76 -44.32
C PHE B 412 -17.86 -1.09 -44.76
N ALA B 413 -17.95 -1.95 -45.78
CA ALA B 413 -19.21 -2.29 -46.39
C ALA B 413 -20.02 -3.29 -45.55
N GLY B 414 -21.34 -3.25 -45.74
CA GLY B 414 -22.27 -4.20 -45.15
C GLY B 414 -23.14 -4.78 -46.24
N THR B 415 -23.26 -6.12 -46.31
CA THR B 415 -23.99 -6.76 -47.40
C THR B 415 -24.78 -7.96 -46.90
N ASN B 416 -25.99 -8.13 -47.41
CA ASN B 416 -26.83 -9.27 -47.05
C ASN B 416 -27.00 -9.38 -45.53
N ILE B 417 -27.64 -8.38 -44.95
CA ILE B 417 -27.88 -8.31 -43.51
C ILE B 417 -29.38 -8.14 -43.26
N VAL B 418 -29.92 -8.91 -42.31
CA VAL B 418 -31.28 -8.70 -41.83
C VAL B 418 -31.22 -7.74 -40.65
N LEU B 419 -31.94 -6.63 -40.73
CA LEU B 419 -31.99 -5.65 -39.65
C LEU B 419 -33.44 -5.48 -39.20
N ARG B 420 -33.76 -6.02 -38.02
CA ARG B 420 -35.08 -5.86 -37.41
C ARG B 420 -34.96 -4.78 -36.36
N ASN B 421 -35.47 -3.59 -36.66
CA ASN B 421 -35.39 -2.45 -35.74
C ASN B 421 -36.72 -2.30 -35.02
N LEU B 422 -36.85 -2.99 -33.90
CA LEU B 422 -38.02 -2.86 -33.02
C LEU B 422 -37.78 -1.79 -31.97
N THR B 423 -37.33 -0.61 -32.44
CA THR B 423 -37.05 0.55 -31.60
C THR B 423 -37.50 1.79 -32.34
N ASN B 424 -37.43 2.92 -31.64
CA ASN B 424 -37.68 4.22 -32.24
C ASN B 424 -36.42 4.89 -32.76
N PHE B 425 -35.28 4.20 -32.77
CA PHE B 425 -34.06 4.83 -33.23
C PHE B 425 -34.05 4.92 -34.76
N PRO B 426 -33.61 6.04 -35.32
N PRO B 426 -33.61 6.04 -35.32
CA PRO B 426 -33.49 6.13 -36.78
CA PRO B 426 -33.49 6.13 -36.78
C PRO B 426 -32.39 5.21 -37.30
C PRO B 426 -32.39 5.21 -37.30
N VAL B 427 -32.45 4.94 -38.60
CA VAL B 427 -31.50 4.07 -39.28
C VAL B 427 -30.90 4.85 -40.44
N ASP B 428 -29.57 4.80 -40.58
CA ASP B 428 -28.86 5.41 -41.70
C ASP B 428 -28.16 4.31 -42.48
N LEU B 429 -28.62 4.07 -43.70
CA LEU B 429 -28.00 3.08 -44.58
C LEU B 429 -27.07 3.83 -45.53
N HIS B 430 -25.77 3.65 -45.34
CA HIS B 430 -24.75 4.36 -46.11
C HIS B 430 -24.63 3.80 -47.52
N SER B 431 -24.04 4.61 -48.42
CA SER B 431 -23.87 4.19 -49.82
C SER B 431 -23.12 2.86 -49.94
N ASP B 432 -22.24 2.53 -48.99
CA ASP B 432 -21.51 1.27 -49.01
C ASP B 432 -22.33 0.06 -48.58
N SER B 433 -23.57 0.26 -48.13
CA SER B 433 -24.45 -0.84 -47.76
C SER B 433 -25.21 -1.35 -48.99
N SER B 434 -25.47 -2.65 -49.01
CA SER B 434 -26.28 -3.25 -50.06
C SER B 434 -27.00 -4.48 -49.52
N ASN B 435 -28.14 -4.80 -50.13
CA ASN B 435 -28.89 -5.99 -49.78
C ASN B 435 -29.17 -6.04 -48.27
N ILE B 436 -29.55 -4.92 -47.70
CA ILE B 436 -29.95 -4.86 -46.30
C ILE B 436 -31.45 -4.98 -46.24
N THR B 437 -31.95 -5.95 -45.47
CA THR B 437 -33.39 -6.18 -45.30
C THR B 437 -33.82 -5.58 -43.97
N VAL B 438 -34.47 -4.42 -44.03
CA VAL B 438 -34.81 -3.64 -42.85
C VAL B 438 -36.31 -3.72 -42.59
N THR B 439 -36.67 -4.10 -41.39
CA THR B 439 -38.03 -3.95 -40.87
C THR B 439 -37.93 -2.98 -39.71
N SER B 440 -38.91 -2.11 -39.56
CA SER B 440 -38.78 -1.13 -38.49
C SER B 440 -40.14 -0.65 -38.04
N CYS B 441 -40.19 -0.17 -36.80
CA CYS B 441 -41.43 0.36 -36.25
C CYS B 441 -41.92 1.52 -37.10
N ASP B 442 -41.00 2.38 -37.51
CA ASP B 442 -41.31 3.45 -38.45
C ASP B 442 -40.24 3.49 -39.53
N THR B 443 -40.67 3.79 -40.75
CA THR B 443 -39.74 3.93 -41.86
C THR B 443 -39.48 5.37 -42.25
N ASP B 444 -40.22 6.33 -41.66
CA ASP B 444 -40.02 7.72 -42.02
C ASP B 444 -38.63 8.22 -41.63
N ASN B 445 -38.08 7.73 -40.52
CA ASN B 445 -36.77 8.17 -40.06
C ASN B 445 -35.65 7.24 -40.53
N ILE B 446 -35.84 6.56 -41.65
CA ILE B 446 -34.83 5.70 -42.25
C ILE B 446 -34.34 6.39 -43.52
N THR B 447 -33.04 6.64 -43.59
CA THR B 447 -32.41 7.24 -44.77
C THR B 447 -31.63 6.15 -45.48
N ASP B 448 -31.96 5.90 -46.74
CA ASP B 448 -31.38 4.80 -47.49
C ASP B 448 -30.58 5.36 -48.65
N ASN B 449 -29.25 5.31 -48.53
CA ASN B 449 -28.36 5.69 -49.61
C ASN B 449 -27.64 4.50 -50.21
N GLY B 450 -28.02 3.29 -49.82
CA GLY B 450 -27.37 2.08 -50.30
C GLY B 450 -28.04 1.48 -51.52
N THR B 451 -27.59 0.27 -51.88
CA THR B 451 -28.02 -0.40 -53.10
C THR B 451 -28.90 -1.61 -52.76
N ASN B 452 -30.10 -1.66 -53.36
CA ASN B 452 -30.99 -2.82 -53.25
C ASN B 452 -31.32 -3.15 -51.80
N ASN B 453 -31.54 -2.12 -50.99
CA ASN B 453 -32.00 -2.31 -49.63
C ASN B 453 -33.52 -2.37 -49.60
N SER B 454 -34.05 -3.20 -48.70
CA SER B 454 -35.52 -3.35 -48.57
C SER B 454 -35.92 -2.71 -47.24
N ILE B 455 -36.88 -1.80 -47.28
CA ILE B 455 -37.37 -1.18 -46.02
C ILE B 455 -38.88 -1.38 -45.92
N GLU B 456 -39.33 -2.06 -44.87
CA GLU B 456 -40.79 -2.26 -44.66
C GLU B 456 -41.21 -1.94 -43.23
N ALA B 457 -42.37 -1.33 -43.10
CA ALA B 457 -42.88 -0.92 -41.77
C ALA B 457 -43.59 -2.06 -41.08
N ILE B 458 -43.37 -2.17 -39.76
CA ILE B 458 -44.08 -3.20 -38.95
C ILE B 458 -44.78 -2.48 -37.79
N ASP B 459 -45.85 -3.08 -37.26
CA ASP B 459 -46.63 -2.51 -36.12
C ASP B 459 -46.05 -3.08 -34.83
N1 IMD C . 5.44 6.88 -10.69
C2 IMD C . 4.94 5.62 -10.67
N3 IMD C . 4.99 5.09 -11.92
C4 IMD C . 5.52 6.04 -12.74
C5 IMD C . 5.81 7.16 -11.97
#